data_7P1F
#
_entry.id   7P1F
#
_cell.length_a   61.318
_cell.length_b   66.833
_cell.length_c   92.813
_cell.angle_alpha   90.000
_cell.angle_beta   90.760
_cell.angle_gamma   90.000
#
_symmetry.space_group_name_H-M   'P 1 2 1'
#
loop_
_entity.id
_entity.type
_entity.pdbx_description
1 polymer 'Sialidase domain-containing protein'
2 non-polymer '2,6-anhydro-3-deoxy-D-glycero-D-galacto-non-2-enonic acid'
3 non-polymer GLYCEROL
4 non-polymer 'CALCIUM ION'
5 water water
#
_entity_poly.entity_id   1
_entity_poly.type   'polypeptide(L)'
_entity_poly.pdbx_seq_one_letter_code
;MGSSHHHHHHSSGLVPRGSHMASNVNDPAKDATPYHVEFPLFRSANMASADKLSTGVGFHSFRIPAVVRTTTGRILAFAE
GRRHDNRDFGDINLVYKRTKTTSDNGATLSDWESLREVVGSGDGTWGNPTPVVD(SNN)GTIYLFLSWNNGSYSQKGGDE
LPDGTITKKIDTTWYGRRHLYLTTSTDDGNTWSKPQDLTKELTPDGWSWDAVGPGNGIKLSSGELVVPAMGRNIVGRGTP
GQRTWSVQRLNGAGAEGTVCETPDGKLYRNDRPSKAGYRIVARGTLSDGFSDFASDSGLPDPACQGSVLKYNTDAPPRTI
FLNSASSDSRRQMRVRISYDADAAKYDYGRKLADAPVSGAGYEGGYSSMTKTADYKIGALVESDFFNDGTGGGSYRSIIW
RRFNLSWILNGPNN
;
_entity_poly.pdbx_strand_id   B,A
#
# COMPACT_ATOMS: atom_id res chain seq x y z
N ASP A 27 -26.20 20.23 -21.04
CA ASP A 27 -25.65 18.90 -20.66
C ASP A 27 -25.92 17.84 -21.74
N PRO A 28 -24.86 17.42 -22.46
CA PRO A 28 -25.08 16.49 -23.57
C PRO A 28 -25.59 15.11 -23.13
N ALA A 29 -25.40 14.74 -21.87
CA ALA A 29 -25.85 13.44 -21.40
C ALA A 29 -27.37 13.29 -21.49
N LYS A 30 -28.09 14.41 -21.51
CA LYS A 30 -29.55 14.37 -21.64
C LYS A 30 -30.02 13.76 -22.97
N ASP A 31 -29.16 13.81 -24.00
CA ASP A 31 -29.48 13.30 -25.33
C ASP A 31 -29.51 11.78 -25.45
N ALA A 32 -28.98 11.07 -24.45
CA ALA A 32 -29.02 9.62 -24.46
C ALA A 32 -30.41 9.18 -24.06
N THR A 33 -30.85 8.04 -24.58
CA THR A 33 -32.08 7.43 -24.15
C THR A 33 -31.94 7.14 -22.64
N PRO A 34 -32.94 7.52 -21.82
CA PRO A 34 -32.82 7.18 -20.41
C PRO A 34 -32.67 5.67 -20.19
N TYR A 35 -31.83 5.32 -19.22
CA TYR A 35 -31.61 3.92 -18.86
C TYR A 35 -31.68 3.75 -17.37
N HIS A 36 -32.36 2.71 -16.92
CA HIS A 36 -32.34 2.33 -15.51
C HIS A 36 -32.64 0.85 -15.37
N VAL A 37 -31.90 0.19 -14.48
CA VAL A 37 -32.25 -1.16 -14.01
C VAL A 37 -32.14 -1.14 -12.49
N GLU A 38 -32.88 -2.03 -11.83
CA GLU A 38 -32.91 -2.08 -10.38
C GLU A 38 -33.38 -3.45 -9.94
N PHE A 39 -32.67 -4.02 -8.97
CA PHE A 39 -33.04 -5.30 -8.41
C PHE A 39 -32.37 -5.50 -7.07
N PRO A 40 -32.98 -6.33 -6.20
CA PRO A 40 -32.31 -6.61 -4.93
C PRO A 40 -31.00 -7.37 -5.12
N LEU A 41 -29.96 -6.94 -4.41
CA LEU A 41 -28.65 -7.58 -4.49
C LEU A 41 -28.27 -8.29 -3.20
N PHE A 42 -28.67 -7.73 -2.06
CA PHE A 42 -28.48 -8.38 -0.77
C PHE A 42 -29.88 -8.67 -0.24
N ARG A 43 -30.17 -9.96 -0.20
CA ARG A 43 -31.51 -10.44 0.03
C ARG A 43 -31.61 -11.00 1.43
N SER A 44 -32.46 -10.38 2.23
CA SER A 44 -32.67 -10.75 3.62
C SER A 44 -33.29 -12.15 3.78
N ALA A 45 -33.27 -12.65 5.01
CA ALA A 45 -33.60 -14.05 5.27
C ALA A 45 -35.00 -14.47 4.84
N ASN A 46 -35.93 -13.52 4.80
CA ASN A 46 -37.31 -13.76 4.41
C ASN A 46 -37.51 -13.92 2.91
N MET A 47 -36.48 -13.59 2.13
CA MET A 47 -36.63 -13.58 0.67
C MET A 47 -36.27 -14.92 0.08
N ALA A 48 -36.86 -15.19 -1.08
CA ALA A 48 -36.72 -16.46 -1.75
C ALA A 48 -35.28 -16.88 -1.97
N SER A 49 -34.44 -15.95 -2.38
CA SER A 49 -33.03 -16.29 -2.64
C SER A 49 -32.11 -15.61 -1.62
N ALA A 50 -32.55 -15.65 -0.36
CA ALA A 50 -31.79 -15.08 0.75
C ALA A 50 -30.32 -15.39 0.63
N ASP A 51 -29.49 -14.37 0.81
CA ASP A 51 -28.05 -14.53 0.66
C ASP A 51 -27.45 -15.12 1.92
N LYS A 52 -26.69 -16.19 1.72
CA LYS A 52 -25.94 -16.84 2.79
C LYS A 52 -24.51 -17.06 2.29
N LEU A 53 -23.59 -17.18 3.24
CA LEU A 53 -22.23 -17.60 2.91
C LEU A 53 -22.18 -19.07 2.55
N SER A 54 -21.09 -19.47 1.91
CA SER A 54 -20.92 -20.87 1.49
C SER A 54 -20.89 -21.84 2.64
N THR A 55 -20.57 -21.33 3.83
CA THR A 55 -20.55 -22.13 5.05
C THR A 55 -21.95 -22.54 5.53
N GLY A 56 -22.98 -21.85 5.06
CA GLY A 56 -24.35 -22.02 5.52
C GLY A 56 -24.82 -20.90 6.45
N VAL A 57 -23.90 -20.00 6.85
CA VAL A 57 -24.24 -18.88 7.72
C VAL A 57 -25.03 -17.85 6.97
N GLY A 58 -26.24 -17.57 7.47
CA GLY A 58 -27.11 -16.57 6.86
C GLY A 58 -27.30 -15.37 7.73
N PHE A 59 -28.13 -14.46 7.21
CA PHE A 59 -28.32 -13.16 7.81
C PHE A 59 -29.78 -12.73 7.77
N HIS A 60 -30.27 -12.28 8.91
CA HIS A 60 -31.59 -11.70 9.00
C HIS A 60 -31.70 -10.54 8.04
N SER A 61 -30.72 -9.64 8.11
CA SER A 61 -30.77 -8.37 7.42
C SER A 61 -29.41 -7.99 6.86
N PHE A 62 -29.43 -7.17 5.82
CA PHE A 62 -28.24 -6.51 5.29
C PHE A 62 -28.50 -5.02 5.35
N ARG A 63 -27.53 -4.28 5.89
CA ARG A 63 -27.61 -2.82 5.98
C ARG A 63 -26.24 -2.22 5.69
N ILE A 64 -26.20 -0.89 5.50
CA ILE A 64 -24.97 -0.13 5.51
C ILE A 64 -24.13 -0.47 4.26
N PRO A 65 -24.65 -0.13 3.08
CA PRO A 65 -23.95 -0.46 1.82
C PRO A 65 -22.73 0.38 1.53
N ALA A 66 -21.83 -0.20 0.75
CA ALA A 66 -20.73 0.57 0.16
C ALA A 66 -20.44 -0.08 -1.18
N VAL A 67 -20.16 0.74 -2.19
CA VAL A 67 -19.83 0.19 -3.50
C VAL A 67 -18.69 0.96 -4.13
N VAL A 68 -17.76 0.24 -4.78
CA VAL A 68 -16.75 0.86 -5.63
C VAL A 68 -16.54 0.06 -6.90
N ARG A 69 -16.36 0.79 -8.00
CA ARG A 69 -15.80 0.21 -9.22
C ARG A 69 -14.28 0.24 -9.09
N THR A 70 -13.63 -0.90 -9.38
CA THR A 70 -12.17 -0.98 -9.29
C THR A 70 -11.57 -0.54 -10.62
N THR A 71 -10.24 -0.44 -10.68
CA THR A 71 -9.63 0.04 -11.92
C THR A 71 -9.70 -1.00 -13.03
N THR A 72 -10.09 -2.24 -12.71
CA THR A 72 -10.34 -3.23 -13.76
C THR A 72 -11.73 -3.09 -14.39
N GLY A 73 -12.64 -2.42 -13.68
CA GLY A 73 -14.05 -2.34 -14.07
C GLY A 73 -14.94 -3.27 -13.26
N ARG A 74 -14.32 -4.19 -12.51
CA ARG A 74 -15.08 -5.00 -11.57
C ARG A 74 -15.77 -4.10 -10.56
N ILE A 75 -16.93 -4.52 -10.07
CA ILE A 75 -17.60 -3.76 -9.01
C ILE A 75 -17.61 -4.59 -7.74
N LEU A 76 -17.30 -3.93 -6.61
CA LEU A 76 -17.30 -4.56 -5.29
C LEU A 76 -18.40 -3.88 -4.50
N ALA A 77 -19.31 -4.70 -3.98
CA ALA A 77 -20.41 -4.22 -3.14
C ALA A 77 -20.29 -4.83 -1.76
N PHE A 78 -20.26 -3.98 -0.73
CA PHE A 78 -20.08 -4.40 0.64
C PHE A 78 -21.33 -4.09 1.44
N ALA A 79 -21.54 -4.82 2.53
CA ALA A 79 -22.63 -4.52 3.45
C ALA A 79 -22.33 -5.14 4.81
N GLU A 80 -23.07 -4.65 5.81
CA GLU A 80 -23.14 -5.35 7.07
C GLU A 80 -24.16 -6.46 6.98
N GLY A 81 -23.68 -7.68 7.22
CA GLY A 81 -24.54 -8.84 7.37
C GLY A 81 -24.92 -8.92 8.83
N ARG A 82 -26.16 -8.55 9.11
CA ARG A 82 -26.65 -8.48 10.49
C ARG A 82 -27.32 -9.82 10.78
N ARG A 83 -26.65 -10.61 11.60
CA ARG A 83 -26.96 -12.04 11.68
C ARG A 83 -28.37 -12.33 12.20
N HIS A 84 -28.76 -11.72 13.31
CA HIS A 84 -29.94 -12.17 14.02
C HIS A 84 -31.15 -11.25 13.96
N ASP A 85 -30.91 -9.98 13.71
CA ASP A 85 -31.97 -8.97 13.64
C ASP A 85 -31.39 -7.77 12.92
N ASN A 86 -32.14 -6.68 12.83
CA ASN A 86 -31.67 -5.54 12.03
C ASN A 86 -30.91 -4.48 12.83
N ARG A 87 -30.66 -4.75 14.11
CA ARG A 87 -30.04 -3.75 14.99
C ARG A 87 -28.56 -3.52 14.72
N ASP A 88 -28.05 -2.40 15.21
CA ASP A 88 -26.70 -1.90 14.82
C ASP A 88 -25.56 -2.61 15.55
N PHE A 89 -25.91 -3.44 16.54
CA PHE A 89 -24.93 -4.06 17.41
C PHE A 89 -25.22 -5.57 17.43
N GLY A 90 -24.45 -6.31 18.22
CA GLY A 90 -24.49 -7.74 18.18
C GLY A 90 -23.60 -8.29 17.09
N ASP A 91 -23.85 -9.54 16.72
CA ASP A 91 -22.99 -10.30 15.80
C ASP A 91 -23.30 -9.84 14.37
N ILE A 92 -22.36 -9.07 13.80
CA ILE A 92 -22.51 -8.48 12.48
C ILE A 92 -21.20 -8.72 11.75
N ASN A 93 -21.30 -9.27 10.54
CA ASN A 93 -20.15 -9.62 9.76
C ASN A 93 -20.11 -8.70 8.53
N LEU A 94 -18.91 -8.42 8.04
CA LEU A 94 -18.75 -7.56 6.88
C LEU A 94 -18.72 -8.49 5.67
N VAL A 95 -19.79 -8.41 4.88
CA VAL A 95 -19.97 -9.28 3.73
C VAL A 95 -19.84 -8.49 2.43
N TYR A 96 -19.73 -9.23 1.34
CA TYR A 96 -19.59 -8.57 0.04
C TYR A 96 -19.95 -9.46 -1.12
N LYS A 97 -20.16 -8.81 -2.27
CA LYS A 97 -20.24 -9.49 -3.54
C LYS A 97 -19.41 -8.73 -4.56
N ARG A 98 -18.87 -9.45 -5.51
CA ARG A 98 -18.21 -8.83 -6.67
C ARG A 98 -19.00 -9.18 -7.90
N THR A 99 -18.87 -8.36 -8.94
CA THR A 99 -19.30 -8.81 -10.25
C THR A 99 -18.43 -9.98 -10.70
N LYS A 100 -19.02 -10.89 -11.45
CA LYS A 100 -18.31 -12.09 -11.89
C LYS A 100 -17.13 -11.79 -12.78
N THR A 101 -17.24 -10.73 -13.58
CA THR A 101 -16.16 -10.34 -14.48
C THR A 101 -15.82 -8.90 -14.27
N THR A 102 -14.83 -8.44 -15.02
CA THR A 102 -14.43 -7.04 -14.93
C THR A 102 -15.16 -6.13 -15.91
N SER A 103 -16.03 -6.69 -16.74
CA SER A 103 -16.63 -5.88 -17.81
C SER A 103 -18.14 -6.04 -17.95
N ASP A 104 -18.80 -6.64 -16.96
CA ASP A 104 -20.24 -6.82 -17.01
C ASP A 104 -20.98 -5.65 -16.34
N ASN A 105 -20.28 -4.85 -15.53
CA ASN A 105 -20.87 -3.68 -14.88
C ASN A 105 -22.07 -3.97 -13.97
N GLY A 106 -22.19 -5.21 -13.54
CA GLY A 106 -23.29 -5.59 -12.65
C GLY A 106 -24.66 -5.39 -13.25
N ALA A 107 -24.76 -5.50 -14.58
CA ALA A 107 -25.98 -5.11 -15.28
C ALA A 107 -27.21 -5.94 -14.96
N THR A 108 -27.00 -7.23 -14.65
CA THR A 108 -28.10 -8.15 -14.35
C THR A 108 -27.73 -8.95 -13.11
N LEU A 109 -28.72 -9.56 -12.49
CA LEU A 109 -28.49 -10.36 -11.29
C LEU A 109 -27.46 -11.47 -11.54
N SER A 110 -27.52 -12.05 -12.74
CA SER A 110 -26.60 -13.14 -13.12
C SER A 110 -25.14 -12.67 -13.27
N ASP A 111 -24.91 -11.37 -13.25
CA ASP A 111 -23.56 -10.84 -13.29
C ASP A 111 -22.86 -10.73 -11.92
N TRP A 112 -23.53 -11.17 -10.87
CA TRP A 112 -22.98 -11.01 -9.52
C TRP A 112 -22.64 -12.37 -8.92
N GLU A 113 -21.48 -12.42 -8.27
CA GLU A 113 -21.04 -13.61 -7.54
C GLU A 113 -21.92 -13.80 -6.31
N SER A 114 -21.81 -14.99 -5.75
N SER A 114 -21.85 -14.98 -5.74
CA SER A 114 -22.46 -15.31 -4.48
CA SER A 114 -22.54 -15.26 -4.50
C SER A 114 -21.83 -14.55 -3.33
C SER A 114 -21.85 -14.55 -3.33
N LEU A 115 -22.56 -14.45 -2.22
CA LEU A 115 -22.11 -13.72 -1.06
C LEU A 115 -20.82 -14.29 -0.48
N ARG A 116 -19.90 -13.39 -0.15
N ARG A 116 -19.89 -13.39 -0.16
CA ARG A 116 -18.64 -13.72 0.51
CA ARG A 116 -18.65 -13.74 0.54
C ARG A 116 -18.46 -12.86 1.74
C ARG A 116 -18.45 -12.86 1.75
N GLU A 117 -17.43 -13.16 2.53
CA GLU A 117 -17.19 -12.45 3.78
C GLU A 117 -15.79 -11.86 3.80
N VAL A 118 -15.70 -10.57 4.11
CA VAL A 118 -14.42 -9.92 4.34
C VAL A 118 -13.91 -10.31 5.73
N VAL A 119 -14.75 -10.10 6.74
CA VAL A 119 -14.39 -10.42 8.12
C VAL A 119 -15.66 -10.66 8.91
N GLY A 120 -15.64 -11.70 9.74
CA GLY A 120 -16.77 -11.95 10.64
C GLY A 120 -16.34 -12.52 11.97
N SER A 121 -15.08 -12.35 12.32
CA SER A 121 -14.50 -13.00 13.49
C SER A 121 -15.14 -12.46 14.77
N GLY A 122 -15.50 -13.39 15.66
CA GLY A 122 -16.10 -13.04 16.93
C GLY A 122 -17.56 -12.67 16.84
N ASP A 123 -18.14 -12.34 17.99
CA ASP A 123 -19.59 -12.07 18.05
C ASP A 123 -19.87 -10.59 18.19
N GLY A 124 -18.86 -9.78 17.92
CA GLY A 124 -19.01 -8.33 17.88
C GLY A 124 -19.42 -7.81 16.51
N THR A 125 -19.34 -6.50 16.40
CA THR A 125 -19.84 -5.81 15.23
C THR A 125 -18.70 -5.38 14.31
N TRP A 126 -18.67 -5.95 13.09
CA TRP A 126 -17.80 -5.48 12.02
C TRP A 126 -18.65 -4.73 11.03
N GLY A 127 -18.38 -3.44 10.83
CA GLY A 127 -19.27 -2.65 10.01
C GLY A 127 -18.68 -1.39 9.43
N ASN A 128 -19.58 -0.50 9.05
CA ASN A 128 -19.22 0.80 8.46
C ASN A 128 -18.27 0.68 7.29
N PRO A 129 -18.61 -0.16 6.30
CA PRO A 129 -17.66 -0.26 5.18
C PRO A 129 -17.40 1.07 4.46
N THR A 130 -16.12 1.41 4.32
CA THR A 130 -15.73 2.65 3.65
C THR A 130 -14.50 2.35 2.78
N PRO A 131 -14.74 1.88 1.56
CA PRO A 131 -13.64 1.54 0.65
C PRO A 131 -13.13 2.73 -0.14
N VAL A 132 -11.86 2.66 -0.53
CA VAL A 132 -11.28 3.60 -1.49
C VAL A 132 -10.35 2.83 -2.40
N VAL A 133 -10.45 3.10 -3.69
CA VAL A 133 -9.62 2.45 -4.69
C VAL A 133 -8.37 3.29 -4.95
N ASP A 134 -7.21 2.62 -5.00
CA ASP A 134 -5.92 3.27 -5.23
C ASP A 134 -5.08 2.41 -6.16
CA GLY A 136 -4.29 -1.98 -7.85
C GLY A 136 -4.62 -2.46 -6.45
N THR A 137 -4.94 -1.52 -5.56
CA THR A 137 -5.23 -1.81 -4.17
C THR A 137 -6.58 -1.22 -3.80
N ILE A 138 -7.39 -2.01 -3.11
CA ILE A 138 -8.62 -1.48 -2.53
C ILE A 138 -8.40 -1.46 -1.02
N TYR A 139 -8.53 -0.27 -0.41
CA TYR A 139 -8.42 -0.11 1.03
C TYR A 139 -9.83 -0.05 1.57
N LEU A 140 -10.17 -0.96 2.50
CA LEU A 140 -11.48 -0.98 3.13
C LEU A 140 -11.33 -0.63 4.59
N PHE A 141 -11.76 0.58 4.95
CA PHE A 141 -11.82 0.98 6.35
C PHE A 141 -13.13 0.51 6.96
N LEU A 142 -13.05 0.09 8.23
CA LEU A 142 -14.19 -0.48 8.95
C LEU A 142 -14.22 0.04 10.37
N SER A 143 -15.38 -0.02 10.98
CA SER A 143 -15.51 0.21 12.41
C SER A 143 -15.81 -1.13 13.07
N TRP A 144 -15.45 -1.26 14.34
CA TRP A 144 -15.72 -2.47 15.10
C TRP A 144 -16.09 -2.11 16.52
N ASN A 145 -16.98 -2.90 17.12
CA ASN A 145 -17.14 -2.88 18.56
C ASN A 145 -17.33 -4.28 19.12
N ASN A 146 -16.94 -4.43 20.38
CA ASN A 146 -17.11 -5.68 21.09
C ASN A 146 -18.61 -6.04 21.15
N GLY A 147 -18.91 -7.34 21.09
CA GLY A 147 -20.29 -7.83 21.05
C GLY A 147 -21.10 -7.62 22.32
N SER A 148 -20.43 -7.24 23.40
CA SER A 148 -21.10 -6.96 24.68
C SER A 148 -21.52 -5.49 24.82
N TYR A 149 -21.20 -4.68 23.81
CA TYR A 149 -21.41 -3.23 23.88
C TYR A 149 -22.35 -2.75 22.79
N SER A 150 -23.12 -1.71 23.09
CA SER A 150 -23.88 -1.00 22.06
C SER A 150 -23.81 0.51 22.28
N GLN A 151 -24.20 1.26 21.27
CA GLN A 151 -24.06 2.71 21.31
C GLN A 151 -24.76 3.34 22.50
N LYS A 152 -25.96 2.85 22.81
CA LYS A 152 -26.75 3.36 23.92
C LYS A 152 -26.52 2.61 25.22
N GLY A 153 -26.16 1.34 25.11
CA GLY A 153 -26.14 0.43 26.27
C GLY A 153 -27.54 0.01 26.64
N GLY A 154 -27.66 -1.08 27.41
CA GLY A 154 -28.96 -1.50 27.92
C GLY A 154 -29.82 -2.30 26.95
N ASP A 155 -29.24 -2.70 25.83
CA ASP A 155 -29.96 -3.46 24.81
C ASP A 155 -29.82 -4.94 25.08
N GLU A 156 -30.90 -5.67 24.80
CA GLU A 156 -30.91 -7.11 25.06
C GLU A 156 -30.50 -7.86 23.80
N LEU A 157 -29.45 -8.67 23.93
CA LEU A 157 -28.97 -9.55 22.86
C LEU A 157 -29.79 -10.83 22.82
N PRO A 158 -29.68 -11.60 21.72
CA PRO A 158 -30.51 -12.78 21.58
C PRO A 158 -30.41 -13.79 22.74
N ASP A 159 -29.23 -13.93 23.31
CA ASP A 159 -29.04 -14.85 24.44
C ASP A 159 -29.43 -14.24 25.80
N GLY A 160 -30.02 -13.04 25.77
CA GLY A 160 -30.58 -12.45 26.98
C GLY A 160 -29.65 -11.50 27.73
N THR A 161 -28.38 -11.46 27.36
CA THR A 161 -27.46 -10.54 28.03
C THR A 161 -27.73 -9.10 27.59
N ILE A 162 -27.46 -8.20 28.53
CA ILE A 162 -27.73 -6.77 28.35
C ILE A 162 -26.42 -6.07 28.03
N THR A 163 -26.43 -5.26 26.98
CA THR A 163 -25.20 -4.59 26.57
C THR A 163 -24.77 -3.50 27.55
N LYS A 164 -23.46 -3.27 27.61
CA LYS A 164 -22.92 -2.07 28.20
C LYS A 164 -22.87 -0.99 27.13
N LYS A 165 -22.85 0.25 27.60
CA LYS A 165 -22.71 1.39 26.70
C LYS A 165 -21.26 1.51 26.21
N ILE A 166 -21.09 1.72 24.90
CA ILE A 166 -19.78 2.04 24.36
C ILE A 166 -19.12 3.15 25.21
N ASP A 167 -17.86 2.94 25.58
CA ASP A 167 -17.18 3.86 26.50
C ASP A 167 -15.78 4.14 25.98
N THR A 168 -14.93 4.76 26.81
CA THR A 168 -13.65 5.27 26.33
C THR A 168 -12.52 4.22 26.52
N THR A 169 -12.84 3.09 27.12
CA THR A 169 -11.84 2.08 27.38
C THR A 169 -11.44 1.40 26.09
N TRP A 170 -10.24 0.84 26.07
CA TRP A 170 -9.79 0.06 24.90
C TRP A 170 -10.78 -1.05 24.54
N TYR A 171 -11.31 -1.71 25.57
CA TYR A 171 -12.19 -2.85 25.37
C TYR A 171 -13.60 -2.44 24.90
N GLY A 172 -14.07 -1.29 25.38
CA GLY A 172 -15.44 -0.88 25.19
C GLY A 172 -15.64 0.23 24.19
N ARG A 173 -14.58 0.71 23.57
CA ARG A 173 -14.70 1.79 22.57
C ARG A 173 -14.89 1.23 21.16
N ARG A 174 -15.25 2.12 20.25
CA ARG A 174 -15.32 1.78 18.85
C ARG A 174 -13.93 1.88 18.22
N HIS A 175 -13.55 0.81 17.53
CA HIS A 175 -12.25 0.71 16.89
C HIS A 175 -12.34 1.00 15.40
N LEU A 176 -11.19 1.28 14.80
CA LEU A 176 -11.04 1.59 13.40
C LEU A 176 -10.07 0.57 12.82
N TYR A 177 -10.53 -0.16 11.80
CA TYR A 177 -9.73 -1.21 11.17
C TYR A 177 -9.55 -0.93 9.70
N LEU A 178 -8.43 -1.45 9.16
CA LEU A 178 -8.18 -1.41 7.73
C LEU A 178 -7.87 -2.82 7.25
N THR A 179 -8.58 -3.23 6.20
CA THR A 179 -8.23 -4.46 5.46
C THR A 179 -8.03 -4.05 4.00
N THR A 180 -7.15 -4.77 3.32
N THR A 180 -7.16 -4.77 3.32
CA THR A 180 -6.76 -4.40 1.96
CA THR A 180 -6.73 -4.40 1.97
C THR A 180 -6.89 -5.59 1.05
C THR A 180 -6.87 -5.59 1.04
N SER A 181 -7.21 -5.31 -0.21
CA SER A 181 -7.19 -6.33 -1.27
C SER A 181 -6.31 -5.82 -2.39
N THR A 182 -5.46 -6.71 -2.89
CA THR A 182 -4.59 -6.41 -4.03
C THR A 182 -4.89 -7.35 -5.19
N ASP A 183 -5.99 -8.10 -5.10
CA ASP A 183 -6.41 -9.03 -6.15
C ASP A 183 -7.87 -8.79 -6.56
N ASP A 184 -8.21 -7.50 -6.67
CA ASP A 184 -9.53 -7.09 -7.21
C ASP A 184 -10.66 -7.60 -6.32
N GLY A 185 -10.42 -7.61 -5.02
CA GLY A 185 -11.45 -7.97 -4.06
C GLY A 185 -11.58 -9.46 -3.82
N ASN A 186 -10.74 -10.28 -4.44
CA ASN A 186 -10.91 -11.72 -4.30
C ASN A 186 -10.57 -12.17 -2.89
N THR A 187 -9.52 -11.60 -2.32
CA THR A 187 -9.13 -11.88 -0.94
C THR A 187 -8.76 -10.60 -0.20
N TRP A 188 -8.82 -10.68 1.12
CA TRP A 188 -8.66 -9.52 2.00
C TRP A 188 -7.65 -9.83 3.09
N SER A 189 -6.80 -8.85 3.41
CA SER A 189 -5.80 -9.04 4.47
C SER A 189 -6.50 -9.09 5.82
N LYS A 190 -5.84 -9.72 6.78
CA LYS A 190 -6.32 -9.67 8.16
C LYS A 190 -6.48 -8.24 8.62
N PRO A 191 -7.69 -7.85 9.09
CA PRO A 191 -7.85 -6.44 9.39
C PRO A 191 -6.88 -5.93 10.45
N GLN A 192 -6.30 -4.76 10.19
CA GLN A 192 -5.31 -4.12 11.03
C GLN A 192 -6.00 -3.04 11.87
N ASP A 193 -5.81 -3.10 13.18
CA ASP A 193 -6.45 -2.14 14.08
C ASP A 193 -5.58 -0.87 14.06
N LEU A 194 -6.16 0.21 13.54
CA LEU A 194 -5.47 1.49 13.44
C LEU A 194 -6.09 2.54 14.36
N THR A 195 -6.81 2.10 15.37
CA THR A 195 -7.52 3.01 16.29
C THR A 195 -6.52 3.96 16.96
N LYS A 196 -5.42 3.45 17.50
CA LYS A 196 -4.50 4.32 18.23
C LYS A 196 -3.81 5.33 17.31
N GLU A 197 -3.71 4.99 16.02
CA GLU A 197 -3.07 5.84 15.03
C GLU A 197 -4.03 6.86 14.42
N LEU A 198 -5.29 6.46 14.21
CA LEU A 198 -6.20 7.26 13.37
C LEU A 198 -7.52 7.68 14.02
N THR A 199 -7.69 7.36 15.29
CA THR A 199 -8.82 7.85 16.08
C THR A 199 -8.25 8.57 17.31
N PRO A 200 -8.80 9.75 17.64
CA PRO A 200 -8.26 10.45 18.81
C PRO A 200 -8.39 9.64 20.09
N ASP A 201 -7.37 9.73 20.94
CA ASP A 201 -7.45 9.16 22.27
C ASP A 201 -8.64 9.76 23.03
N GLY A 202 -9.28 8.92 23.83
CA GLY A 202 -10.36 9.35 24.69
C GLY A 202 -11.72 9.35 24.01
N TRP A 203 -11.80 8.94 22.75
CA TRP A 203 -13.10 8.81 22.11
C TRP A 203 -13.77 7.52 22.56
N SER A 204 -15.10 7.52 22.52
CA SER A 204 -15.88 6.33 22.80
C SER A 204 -16.52 5.87 21.49
N TRP A 205 -17.66 6.47 21.12
CA TRP A 205 -18.25 6.22 19.81
C TRP A 205 -17.30 6.71 18.72
N ASP A 206 -17.38 6.02 17.59
CA ASP A 206 -16.67 6.41 16.38
C ASP A 206 -17.39 5.79 15.20
N ALA A 207 -17.11 6.34 14.02
CA ALA A 207 -17.60 5.82 12.75
C ALA A 207 -16.60 6.24 11.68
N VAL A 208 -16.44 5.34 10.70
CA VAL A 208 -15.81 5.69 9.44
C VAL A 208 -16.90 5.62 8.37
N GLY A 209 -16.90 6.58 7.44
CA GLY A 209 -17.95 6.61 6.45
C GLY A 209 -19.31 6.52 7.13
N PRO A 210 -20.19 5.63 6.69
CA PRO A 210 -19.94 4.57 5.71
C PRO A 210 -20.22 5.02 4.29
N GLY A 211 -19.62 4.33 3.34
CA GLY A 211 -19.93 4.53 1.93
C GLY A 211 -18.70 4.47 1.07
N ASN A 212 -17.89 5.51 1.07
CA ASN A 212 -16.63 5.47 0.28
C ASN A 212 -15.69 6.60 0.62
N GLY A 213 -14.41 6.35 0.36
CA GLY A 213 -13.37 7.36 0.31
C GLY A 213 -13.09 7.70 -1.14
N ILE A 214 -12.16 8.65 -1.32
CA ILE A 214 -11.85 9.20 -2.63
C ILE A 214 -10.34 9.27 -2.84
N LYS A 215 -9.95 9.37 -4.12
CA LYS A 215 -8.58 9.69 -4.51
C LYS A 215 -8.64 11.03 -5.22
N LEU A 216 -7.86 11.99 -4.73
CA LEU A 216 -7.88 13.34 -5.31
C LEU A 216 -7.14 13.36 -6.62
N SER A 217 -7.43 14.37 -7.42
CA SER A 217 -6.69 14.61 -8.67
C SER A 217 -5.19 14.73 -8.40
N SER A 218 -4.84 15.20 -7.21
CA SER A 218 -3.45 15.42 -6.80
C SER A 218 -2.83 14.17 -6.15
N GLY A 219 -3.61 13.10 -6.00
CA GLY A 219 -3.04 11.80 -5.64
C GLY A 219 -3.32 11.29 -4.25
N GLU A 220 -3.69 12.17 -3.32
CA GLU A 220 -3.98 11.75 -1.95
C GLU A 220 -5.28 10.96 -1.86
N LEU A 221 -5.32 10.07 -0.87
CA LEU A 221 -6.55 9.36 -0.51
C LEU A 221 -7.21 10.10 0.65
N VAL A 222 -8.52 10.28 0.57
CA VAL A 222 -9.26 10.94 1.67
C VAL A 222 -10.45 10.09 2.02
N VAL A 223 -10.51 9.65 3.27
CA VAL A 223 -11.57 8.77 3.76
C VAL A 223 -12.34 9.55 4.84
N PRO A 224 -13.65 9.72 4.65
CA PRO A 224 -14.40 10.51 5.61
C PRO A 224 -14.69 9.68 6.86
N ALA A 225 -14.61 10.32 8.03
CA ALA A 225 -14.88 9.65 9.29
C ALA A 225 -15.50 10.66 10.25
N MET A 226 -15.91 10.18 11.40
CA MET A 226 -16.51 11.04 12.41
C MET A 226 -15.51 12.12 12.83
N GLY A 227 -15.92 13.37 12.73
CA GLY A 227 -15.08 14.48 13.19
C GLY A 227 -13.75 14.69 12.47
N ARG A 228 -13.54 14.03 11.33
CA ARG A 228 -12.19 14.04 10.73
C ARG A 228 -12.15 13.41 9.35
N ASN A 229 -11.11 13.77 8.60
CA ASN A 229 -10.73 12.98 7.43
C ASN A 229 -9.55 12.10 7.81
N ILE A 230 -9.53 10.90 7.25
CA ILE A 230 -8.36 10.03 7.32
C ILE A 230 -7.68 10.19 5.95
N VAL A 231 -6.41 10.58 5.98
CA VAL A 231 -5.72 11.02 4.77
C VAL A 231 -4.53 10.14 4.48
N GLY A 232 -4.49 9.61 3.26
CA GLY A 232 -3.40 8.73 2.81
C GLY A 232 -2.53 9.48 1.83
N ARG A 233 -1.35 9.89 2.31
CA ARG A 233 -0.37 10.56 1.46
C ARG A 233 0.62 9.49 1.00
N GLY A 234 1.68 9.92 0.31
CA GLY A 234 2.57 8.99 -0.34
C GLY A 234 2.16 8.77 -1.77
N THR A 235 2.34 7.54 -2.21
CA THR A 235 2.04 7.18 -3.58
C THR A 235 1.41 5.80 -3.58
N PRO A 236 0.85 5.38 -4.72
CA PRO A 236 0.32 4.02 -4.75
C PRO A 236 1.41 2.98 -4.42
N GLY A 237 1.06 2.03 -3.56
CA GLY A 237 2.03 1.04 -3.10
C GLY A 237 2.83 1.47 -1.88
N GLN A 238 2.65 2.71 -1.44
CA GLN A 238 3.43 3.27 -0.34
C GLN A 238 2.70 4.46 0.27
N ARG A 239 1.56 4.14 0.86
CA ARG A 239 0.70 5.14 1.48
C ARG A 239 1.00 5.29 2.97
N THR A 240 0.82 6.52 3.44
CA THR A 240 1.05 6.87 4.85
C THR A 240 -0.20 7.60 5.32
N TRP A 241 -0.73 7.17 6.45
CA TRP A 241 -2.00 7.66 6.94
C TRP A 241 -1.88 8.62 8.11
N SER A 242 -2.72 9.66 8.09
CA SER A 242 -2.82 10.62 9.20
C SER A 242 -4.24 11.14 9.30
N VAL A 243 -4.49 11.95 10.33
CA VAL A 243 -5.80 12.49 10.62
C VAL A 243 -5.84 14.00 10.38
N GLN A 244 -6.87 14.46 9.67
CA GLN A 244 -7.21 15.87 9.62
C GLN A 244 -8.48 16.08 10.43
N ARG A 245 -8.37 16.70 11.61
CA ARG A 245 -9.52 16.91 12.47
C ARG A 245 -10.38 18.01 11.87
N LEU A 246 -11.71 17.84 11.94
CA LEU A 246 -12.67 18.77 11.39
C LEU A 246 -13.68 19.19 12.46
N ASN A 247 -13.54 20.41 12.93
CA ASN A 247 -14.44 21.00 13.91
C ASN A 247 -15.89 21.00 13.39
N GLY A 248 -16.81 20.38 14.14
CA GLY A 248 -18.23 20.41 13.79
C GLY A 248 -18.69 19.42 12.73
N ALA A 249 -17.82 18.52 12.29
CA ALA A 249 -18.24 17.53 11.30
C ALA A 249 -19.22 16.51 11.93
N GLY A 250 -19.94 15.82 11.07
CA GLY A 250 -20.82 14.77 11.51
C GLY A 250 -20.09 13.50 11.93
N ALA A 251 -20.86 12.57 12.42
CA ALA A 251 -20.39 11.23 12.70
C ALA A 251 -20.27 10.46 11.38
N GLU A 252 -21.26 10.60 10.49
CA GLU A 252 -21.29 9.89 9.20
C GLU A 252 -21.14 10.90 8.08
N GLY A 253 -19.94 10.96 7.54
CA GLY A 253 -19.60 11.96 6.56
C GLY A 253 -19.45 11.39 5.17
N THR A 254 -19.56 12.29 4.19
CA THR A 254 -19.21 11.98 2.81
C THR A 254 -18.23 13.05 2.35
N VAL A 255 -17.40 12.72 1.37
CA VAL A 255 -16.41 13.67 0.86
C VAL A 255 -16.27 13.49 -0.64
N CYS A 256 -16.03 14.60 -1.34
CA CYS A 256 -15.60 14.53 -2.72
C CYS A 256 -14.79 15.76 -3.05
N GLU A 257 -14.16 15.69 -4.20
CA GLU A 257 -13.44 16.83 -4.74
C GLU A 257 -14.41 17.53 -5.68
N THR A 258 -14.59 18.83 -5.49
CA THR A 258 -15.45 19.60 -6.36
C THR A 258 -14.68 20.13 -7.57
N PRO A 259 -15.41 20.64 -8.59
CA PRO A 259 -14.70 21.05 -9.81
C PRO A 259 -13.67 22.15 -9.62
N ASP A 260 -13.81 22.98 -8.57
CA ASP A 260 -12.81 24.00 -8.25
C ASP A 260 -11.54 23.42 -7.63
N GLY A 261 -11.47 22.10 -7.45
CA GLY A 261 -10.29 21.46 -6.88
C GLY A 261 -10.26 21.41 -5.36
N LYS A 262 -11.26 21.97 -4.69
CA LYS A 262 -11.35 21.88 -3.23
C LYS A 262 -12.06 20.60 -2.80
N LEU A 263 -12.05 20.35 -1.50
CA LEU A 263 -12.76 19.25 -0.89
C LEU A 263 -14.09 19.74 -0.35
N TYR A 264 -15.03 18.81 -0.29
CA TYR A 264 -16.41 19.08 0.07
C TYR A 264 -16.85 17.93 0.98
N ARG A 265 -17.19 18.25 2.22
CA ARG A 265 -17.77 17.32 3.18
C ARG A 265 -19.26 17.62 3.23
N ASN A 266 -20.04 16.56 3.12
CA ASN A 266 -21.48 16.68 3.16
C ASN A 266 -21.94 15.55 4.08
N ASP A 267 -22.29 15.94 5.31
CA ASP A 267 -22.43 14.99 6.41
C ASP A 267 -23.87 14.91 6.92
N ARG A 268 -24.16 13.81 7.58
CA ARG A 268 -25.40 13.59 8.27
C ARG A 268 -25.46 14.52 9.50
N PRO A 269 -26.57 15.24 9.66
CA PRO A 269 -26.69 16.12 10.81
C PRO A 269 -26.99 15.35 12.10
N SER A 270 -26.73 15.99 13.25
CA SER A 270 -26.98 15.35 14.53
C SER A 270 -28.47 15.24 14.81
N LYS A 271 -29.25 16.14 14.24
CA LYS A 271 -30.71 16.06 14.34
C LYS A 271 -31.32 16.28 12.95
N ALA A 272 -32.49 15.71 12.74
CA ALA A 272 -33.14 15.80 11.44
C ALA A 272 -33.36 17.23 10.97
N GLY A 273 -33.23 17.43 9.65
CA GLY A 273 -33.47 18.73 9.07
C GLY A 273 -32.81 18.82 7.70
N TYR A 274 -31.50 19.02 7.71
CA TYR A 274 -30.72 19.29 6.50
C TYR A 274 -29.33 18.72 6.62
N ARG A 275 -28.74 18.38 5.49
CA ARG A 275 -27.33 18.04 5.45
C ARG A 275 -26.50 19.20 5.98
N ILE A 276 -25.34 18.88 6.55
CA ILE A 276 -24.37 19.89 6.92
C ILE A 276 -23.15 19.78 6.02
N VAL A 277 -22.67 20.93 5.57
CA VAL A 277 -21.63 20.99 4.54
C VAL A 277 -20.48 21.89 4.98
N ALA A 278 -19.27 21.47 4.63
CA ALA A 278 -18.09 22.30 4.83
C ALA A 278 -17.17 22.08 3.64
N ARG A 279 -16.32 23.08 3.40
CA ARG A 279 -15.44 23.01 2.23
C ARG A 279 -14.04 23.40 2.65
N GLY A 280 -13.05 22.85 1.96
CA GLY A 280 -11.69 23.11 2.35
C GLY A 280 -10.66 22.38 1.55
N THR A 281 -9.44 22.35 2.09
CA THR A 281 -8.31 21.69 1.47
C THR A 281 -7.52 20.91 2.51
N LEU A 282 -6.71 19.97 2.04
CA LEU A 282 -5.80 19.26 2.93
C LEU A 282 -4.79 20.21 3.56
N SER A 283 -4.31 21.20 2.80
CA SER A 283 -3.24 22.09 3.29
C SER A 283 -3.75 23.16 4.24
N ASP A 284 -4.92 23.72 3.97
CA ASP A 284 -5.41 24.88 4.72
C ASP A 284 -6.57 24.58 5.65
N GLY A 285 -7.14 23.37 5.59
CA GLY A 285 -8.24 23.02 6.48
C GLY A 285 -9.59 23.38 5.90
N PHE A 286 -10.63 23.25 6.73
CA PHE A 286 -12.02 23.42 6.32
C PHE A 286 -12.72 24.62 6.98
N SER A 287 -13.70 25.16 6.24
CA SER A 287 -14.70 26.07 6.81
C SER A 287 -15.47 25.38 7.94
N ASP A 288 -16.22 26.18 8.68
CA ASP A 288 -17.20 25.62 9.60
C ASP A 288 -18.20 24.83 8.79
N PHE A 289 -18.85 23.84 9.44
CA PHE A 289 -20.02 23.20 8.87
C PHE A 289 -21.26 24.07 9.02
N ALA A 290 -22.10 24.06 7.99
CA ALA A 290 -23.34 24.81 7.99
C ALA A 290 -24.46 24.00 7.34
N SER A 291 -25.69 24.15 7.86
CA SER A 291 -26.83 23.47 7.25
C SER A 291 -27.01 23.96 5.82
N ASP A 292 -27.29 23.00 4.94
CA ASP A 292 -27.57 23.27 3.55
C ASP A 292 -29.06 23.20 3.35
N SER A 293 -29.71 24.36 3.24
CA SER A 293 -31.18 24.40 3.15
C SER A 293 -31.75 23.80 1.85
N GLY A 294 -30.89 23.58 0.86
CA GLY A 294 -31.28 22.95 -0.38
C GLY A 294 -31.31 21.42 -0.32
N LEU A 295 -30.81 20.85 0.77
CA LEU A 295 -30.71 19.38 0.92
C LEU A 295 -31.35 18.91 2.24
N PRO A 296 -32.68 18.80 2.26
CA PRO A 296 -33.29 18.20 3.43
C PRO A 296 -32.82 16.79 3.67
N ASP A 297 -32.80 16.41 4.93
CA ASP A 297 -32.28 15.09 5.35
C ASP A 297 -32.93 14.75 6.67
N PRO A 298 -33.29 13.47 6.86
CA PRO A 298 -34.01 13.07 8.08
C PRO A 298 -33.12 12.58 9.22
N ALA A 299 -31.84 12.96 9.20
CA ALA A 299 -30.79 12.38 10.02
C ALA A 299 -30.55 10.94 9.58
N CYS A 300 -29.93 10.82 8.39
CA CYS A 300 -29.61 9.55 7.77
C CYS A 300 -28.34 9.72 6.97
N GLN A 301 -27.66 8.63 6.72
CA GLN A 301 -26.47 8.66 5.87
C GLN A 301 -26.88 9.04 4.46
N GLY A 302 -25.95 9.66 3.72
CA GLY A 302 -26.10 9.96 2.29
C GLY A 302 -24.84 9.54 1.54
N SER A 303 -24.82 9.85 0.26
CA SER A 303 -23.65 9.51 -0.59
C SER A 303 -23.43 10.62 -1.61
N VAL A 304 -22.17 10.77 -2.02
CA VAL A 304 -21.77 11.82 -2.96
C VAL A 304 -20.73 11.22 -3.90
N LEU A 305 -20.69 11.73 -5.14
CA LEU A 305 -19.81 11.19 -6.15
C LEU A 305 -19.35 12.27 -7.12
N LYS A 306 -18.04 12.37 -7.30
CA LYS A 306 -17.49 13.16 -8.40
C LYS A 306 -17.68 12.32 -9.65
N TYR A 307 -18.55 12.76 -10.55
CA TYR A 307 -18.83 11.94 -11.74
C TYR A 307 -17.81 12.15 -12.84
N ASN A 308 -17.45 13.41 -13.09
CA ASN A 308 -16.53 13.70 -14.18
C ASN A 308 -15.89 15.06 -13.98
N THR A 309 -14.79 15.26 -14.69
CA THR A 309 -13.94 16.44 -14.53
C THR A 309 -13.88 17.38 -15.77
N ASP A 310 -14.39 16.98 -16.93
CA ASP A 310 -14.44 17.99 -18.03
C ASP A 310 -15.85 18.45 -18.26
N ALA A 311 -16.06 19.21 -19.33
CA ALA A 311 -17.26 19.98 -19.52
C ALA A 311 -18.47 19.05 -19.75
N PRO A 312 -19.52 19.17 -18.95
CA PRO A 312 -19.59 20.01 -17.76
C PRO A 312 -19.31 19.17 -16.51
N PRO A 313 -18.48 19.67 -15.56
CA PRO A 313 -18.17 18.84 -14.40
C PRO A 313 -19.40 18.65 -13.52
N ARG A 314 -19.56 17.44 -12.99
CA ARG A 314 -20.75 17.11 -12.23
C ARG A 314 -20.42 16.42 -10.92
N THR A 315 -21.07 16.90 -9.87
CA THR A 315 -21.15 16.21 -8.58
C THR A 315 -22.54 15.60 -8.42
N ILE A 316 -22.60 14.33 -8.04
CA ILE A 316 -23.86 13.63 -7.82
C ILE A 316 -24.06 13.48 -6.32
N PHE A 317 -25.29 13.67 -5.86
CA PHE A 317 -25.63 13.50 -4.45
C PHE A 317 -26.89 12.65 -4.32
N LEU A 318 -26.91 11.79 -3.31
CA LEU A 318 -28.04 10.90 -3.07
C LEU A 318 -28.35 10.81 -1.58
N ASN A 319 -29.60 11.08 -1.23
CA ASN A 319 -30.05 10.90 0.16
C ASN A 319 -31.55 10.83 0.16
N SER A 320 -32.18 10.73 1.33
CA SER A 320 -33.62 10.85 1.38
C SER A 320 -33.95 12.33 1.55
N ALA A 321 -34.58 12.90 0.52
CA ALA A 321 -34.85 14.34 0.45
C ALA A 321 -36.10 14.68 1.25
N SER A 322 -35.95 14.54 2.57
CA SER A 322 -37.02 14.74 3.49
C SER A 322 -36.44 15.03 4.86
N SER A 323 -37.10 15.90 5.63
CA SER A 323 -36.67 16.14 6.99
C SER A 323 -37.20 15.10 7.98
N ASP A 324 -38.10 14.21 7.57
CA ASP A 324 -38.64 13.22 8.52
C ASP A 324 -38.82 11.77 8.05
N SER A 325 -38.47 11.47 6.81
CA SER A 325 -38.59 10.12 6.30
C SER A 325 -37.35 9.71 5.53
N ARG A 326 -37.01 8.42 5.64
CA ARG A 326 -35.96 7.81 4.81
C ARG A 326 -36.45 7.30 3.46
N ARG A 327 -37.76 7.41 3.19
CA ARG A 327 -38.37 6.85 1.98
C ARG A 327 -38.61 7.88 0.89
N GLN A 328 -37.73 8.87 0.79
CA GLN A 328 -37.86 9.87 -0.29
C GLN A 328 -36.54 10.01 -1.02
N MET A 329 -35.97 8.87 -1.38
CA MET A 329 -34.67 8.85 -2.02
C MET A 329 -34.65 9.70 -3.30
N ARG A 330 -33.65 10.56 -3.40
CA ARG A 330 -33.52 11.50 -4.52
C ARG A 330 -32.07 11.61 -4.92
N VAL A 331 -31.79 11.35 -6.20
CA VAL A 331 -30.46 11.52 -6.74
C VAL A 331 -30.43 12.85 -7.50
N ARG A 332 -29.35 13.61 -7.33
CA ARG A 332 -29.25 14.97 -7.87
C ARG A 332 -27.88 15.25 -8.46
N ILE A 333 -27.84 16.26 -9.33
CA ILE A 333 -26.61 16.71 -9.96
C ILE A 333 -26.40 18.17 -9.60
N SER A 334 -25.15 18.48 -9.26
CA SER A 334 -24.68 19.90 -9.24
C SER A 334 -23.62 20.13 -10.28
N TYR A 335 -23.73 21.27 -10.95
CA TYR A 335 -22.75 21.75 -11.91
C TYR A 335 -21.86 22.83 -11.31
N ASP A 336 -22.12 23.20 -10.07
CA ASP A 336 -21.38 24.31 -9.45
C ASP A 336 -19.94 23.90 -9.14
N ALA A 337 -19.02 24.87 -9.25
CA ALA A 337 -17.62 24.65 -8.97
C ALA A 337 -17.38 24.22 -7.53
N ASP A 338 -18.27 24.64 -6.64
CA ASP A 338 -18.20 24.30 -5.21
C ASP A 338 -19.39 23.43 -4.77
N ALA A 339 -20.10 22.83 -5.72
CA ALA A 339 -21.32 22.05 -5.45
C ALA A 339 -22.31 22.78 -4.52
N ALA A 340 -22.48 24.09 -4.70
CA ALA A 340 -23.35 24.87 -3.83
C ALA A 340 -24.81 24.47 -3.98
N LYS A 341 -25.26 24.33 -5.22
CA LYS A 341 -26.65 24.09 -5.53
C LYS A 341 -26.85 22.88 -6.43
N TYR A 342 -27.88 22.10 -6.13
CA TYR A 342 -28.23 20.93 -6.92
C TYR A 342 -29.55 21.12 -7.62
N ASP A 343 -29.77 20.34 -8.67
CA ASP A 343 -31.08 20.31 -9.29
C ASP A 343 -32.06 19.53 -8.43
N TYR A 344 -33.32 19.54 -8.81
CA TYR A 344 -34.35 18.70 -8.16
C TYR A 344 -33.89 17.25 -8.25
N GLY A 345 -33.41 16.86 -9.41
CA GLY A 345 -32.89 15.52 -9.63
C GLY A 345 -34.02 14.57 -9.92
N ARG A 346 -33.94 13.35 -9.42
CA ARG A 346 -35.01 12.43 -9.63
C ARG A 346 -35.21 11.50 -8.44
N LYS A 347 -36.48 11.25 -8.19
CA LYS A 347 -36.92 10.33 -7.14
C LYS A 347 -36.66 8.89 -7.61
N LEU A 348 -36.01 8.08 -6.77
CA LEU A 348 -35.79 6.68 -7.11
C LEU A 348 -37.13 5.94 -7.21
N ALA A 349 -38.16 6.43 -6.52
CA ALA A 349 -39.48 5.82 -6.60
C ALA A 349 -40.11 5.92 -7.98
N ASP A 350 -39.54 6.75 -8.86
CA ASP A 350 -39.96 6.76 -10.27
C ASP A 350 -39.66 5.42 -10.98
N ALA A 351 -38.70 4.66 -10.45
CA ALA A 351 -38.35 3.33 -10.98
C ALA A 351 -38.32 2.34 -9.81
N PRO A 352 -39.50 2.03 -9.29
CA PRO A 352 -39.55 1.28 -8.04
C PRO A 352 -39.28 -0.21 -8.23
N VAL A 353 -38.84 -0.84 -7.15
CA VAL A 353 -38.66 -2.27 -7.06
C VAL A 353 -39.81 -2.83 -6.25
N SER A 354 -40.32 -3.99 -6.68
N SER A 354 -40.32 -3.99 -6.68
CA SER A 354 -41.36 -4.69 -5.93
CA SER A 354 -41.36 -4.69 -5.94
C SER A 354 -40.79 -5.98 -5.31
C SER A 354 -40.78 -5.98 -5.31
N GLY A 355 -41.30 -6.36 -4.15
CA GLY A 355 -40.92 -7.62 -3.48
C GLY A 355 -39.67 -7.59 -2.62
N ALA A 356 -39.09 -6.40 -2.42
CA ALA A 356 -37.85 -6.26 -1.67
C ALA A 356 -37.96 -5.24 -0.53
N GLY A 357 -39.17 -4.95 -0.12
CA GLY A 357 -39.41 -3.99 0.94
C GLY A 357 -39.67 -2.59 0.46
N TYR A 358 -39.80 -1.66 1.40
CA TYR A 358 -40.00 -0.25 1.14
C TYR A 358 -38.62 0.42 1.10
N GLU A 359 -38.25 0.88 -0.10
CA GLU A 359 -36.90 1.38 -0.34
C GLU A 359 -36.67 2.75 0.30
N GLY A 360 -35.50 2.89 0.89
CA GLY A 360 -35.04 4.14 1.43
C GLY A 360 -34.13 3.91 2.63
N GLY A 361 -33.07 4.68 2.71
CA GLY A 361 -32.15 4.63 3.83
C GLY A 361 -30.75 4.97 3.37
N TYR A 362 -29.79 4.25 3.92
CA TYR A 362 -28.39 4.46 3.53
C TYR A 362 -28.17 4.12 2.06
N SER A 363 -27.17 4.78 1.50
CA SER A 363 -26.87 4.58 0.09
C SER A 363 -25.40 4.70 -0.21
N SER A 364 -25.00 4.20 -1.38
CA SER A 364 -23.61 4.34 -1.83
C SER A 364 -23.62 4.36 -3.35
N MET A 365 -22.77 5.22 -3.95
CA MET A 365 -22.71 5.34 -5.39
C MET A 365 -21.28 5.17 -5.90
N THR A 366 -21.18 4.60 -7.10
CA THR A 366 -19.93 4.59 -7.84
C THR A 366 -20.26 4.88 -9.31
N LYS A 367 -19.24 5.17 -10.10
CA LYS A 367 -19.39 5.30 -11.55
C LYS A 367 -18.91 3.99 -12.18
N THR A 368 -19.79 3.34 -12.91
CA THR A 368 -19.42 2.08 -13.56
C THR A 368 -18.55 2.33 -14.78
N ALA A 369 -17.90 1.27 -15.24
CA ALA A 369 -17.05 1.36 -16.43
C ALA A 369 -17.86 1.59 -17.72
N ASP A 370 -19.15 1.32 -17.70
CA ASP A 370 -20.04 1.70 -18.81
C ASP A 370 -20.81 2.99 -18.55
N TYR A 371 -20.25 3.88 -17.75
CA TYR A 371 -20.78 5.26 -17.65
C TYR A 371 -22.21 5.34 -17.13
N LYS A 372 -22.47 4.55 -16.09
CA LYS A 372 -23.70 4.64 -15.33
C LYS A 372 -23.34 5.01 -13.91
N ILE A 373 -24.33 5.56 -13.21
CA ILE A 373 -24.27 5.63 -11.76
C ILE A 373 -24.76 4.28 -11.26
N GLY A 374 -23.91 3.62 -10.47
CA GLY A 374 -24.26 2.39 -9.77
C GLY A 374 -24.51 2.74 -8.32
N ALA A 375 -25.71 2.43 -7.82
CA ALA A 375 -26.07 2.80 -6.47
C ALA A 375 -26.61 1.60 -5.70
N LEU A 376 -26.18 1.47 -4.46
CA LEU A 376 -26.82 0.57 -3.50
C LEU A 376 -27.70 1.39 -2.59
N VAL A 377 -28.90 0.90 -2.33
CA VAL A 377 -29.87 1.61 -1.47
C VAL A 377 -30.54 0.61 -0.53
N GLU A 378 -30.59 0.97 0.74
CA GLU A 378 -31.31 0.15 1.72
C GLU A 378 -32.80 0.08 1.45
N SER A 379 -33.42 -1.02 1.90
CA SER A 379 -34.85 -1.23 1.81
C SER A 379 -35.30 -2.00 3.05
N ASP A 380 -36.54 -1.76 3.47
CA ASP A 380 -37.05 -2.24 4.75
C ASP A 380 -38.42 -2.87 4.53
N PHE A 381 -38.53 -4.16 4.82
CA PHE A 381 -39.82 -4.85 4.67
C PHE A 381 -40.86 -4.37 5.69
N PHE A 382 -40.40 -3.84 6.83
CA PHE A 382 -41.29 -3.18 7.79
C PHE A 382 -42.29 -4.16 8.40
N ASN A 383 -41.96 -5.44 8.38
CA ASN A 383 -42.86 -6.47 8.85
C ASN A 383 -43.07 -6.41 10.37
N ASP A 384 -42.09 -5.80 11.03
CA ASP A 384 -42.09 -5.68 12.52
C ASP A 384 -42.12 -4.17 12.84
N GLY A 385 -42.65 -3.36 11.92
CA GLY A 385 -42.61 -1.90 12.03
C GLY A 385 -41.18 -1.41 12.24
N THR A 386 -40.99 -0.55 13.23
CA THR A 386 -39.67 -0.02 13.57
C THR A 386 -38.83 -0.95 14.45
N GLY A 387 -39.38 -2.11 14.82
CA GLY A 387 -38.65 -3.07 15.65
C GLY A 387 -37.53 -3.82 14.94
N GLY A 388 -36.78 -4.58 15.74
CA GLY A 388 -35.58 -5.27 15.30
C GLY A 388 -35.82 -6.44 14.36
N GLY A 389 -37.06 -6.90 14.29
CA GLY A 389 -37.35 -8.04 13.43
C GLY A 389 -37.71 -7.69 12.01
N SER A 390 -37.77 -6.40 11.65
CA SER A 390 -38.08 -6.01 10.25
C SER A 390 -36.88 -6.32 9.38
N TYR A 391 -37.13 -7.15 8.37
CA TYR A 391 -36.06 -7.59 7.46
C TYR A 391 -35.61 -6.44 6.59
N ARG A 392 -34.29 -6.31 6.45
CA ARG A 392 -33.69 -5.24 5.65
C ARG A 392 -32.86 -5.82 4.50
N SER A 393 -33.15 -5.34 3.30
CA SER A 393 -32.46 -5.77 2.08
C SER A 393 -31.70 -4.59 1.48
N ILE A 394 -30.89 -4.87 0.47
CA ILE A 394 -30.22 -3.79 -0.25
C ILE A 394 -30.44 -3.96 -1.74
N ILE A 395 -30.87 -2.87 -2.36
CA ILE A 395 -31.19 -2.82 -3.77
C ILE A 395 -29.98 -2.27 -4.54
N TRP A 396 -29.70 -2.87 -5.71
CA TRP A 396 -28.71 -2.33 -6.63
C TRP A 396 -29.42 -1.67 -7.81
N ARG A 397 -28.97 -0.47 -8.15
CA ARG A 397 -29.51 0.32 -9.24
C ARG A 397 -28.37 0.74 -10.15
N ARG A 398 -28.65 0.74 -11.45
CA ARG A 398 -27.85 1.45 -12.43
C ARG A 398 -28.76 2.42 -13.15
N PHE A 399 -28.29 3.64 -13.39
CA PHE A 399 -28.99 4.57 -14.27
C PHE A 399 -27.98 5.50 -14.90
N ASN A 400 -28.30 5.99 -16.09
CA ASN A 400 -27.47 6.99 -16.71
C ASN A 400 -27.89 8.39 -16.27
N LEU A 401 -27.04 9.36 -16.61
CA LEU A 401 -27.35 10.76 -16.29
C LEU A 401 -28.66 11.19 -16.94
N SER A 402 -28.92 10.69 -18.15
CA SER A 402 -30.18 11.00 -18.84
C SER A 402 -31.41 10.67 -18.00
N TRP A 403 -31.38 9.52 -17.32
CA TRP A 403 -32.51 9.13 -16.50
C TRP A 403 -32.77 10.20 -15.44
N ILE A 404 -31.70 10.73 -14.83
CA ILE A 404 -31.85 11.81 -13.85
C ILE A 404 -32.40 13.08 -14.52
N LEU A 405 -31.76 13.48 -15.60
CA LEU A 405 -32.03 14.77 -16.22
C LEU A 405 -33.40 14.86 -16.86
N ASN A 406 -33.94 13.71 -17.29
CA ASN A 406 -35.24 13.67 -17.94
C ASN A 406 -36.38 13.34 -16.94
N GLY A 407 -36.07 13.42 -15.65
CA GLY A 407 -37.05 13.23 -14.58
C GLY A 407 -38.08 14.35 -14.64
N PRO A 408 -39.34 14.06 -14.22
CA PRO A 408 -40.47 14.93 -14.45
C PRO A 408 -40.36 16.28 -13.78
N ASN A 409 -39.62 16.39 -12.66
CA ASN A 409 -39.71 17.73 -12.01
C ASN A 409 -38.36 18.35 -12.03
N ASN A 410 -37.50 17.83 -12.89
CA ASN A 410 -36.11 18.25 -12.96
C ASN A 410 -35.93 19.37 -13.97
N ASN B 26 25.23 -22.00 20.98
CA ASN B 26 26.38 -22.95 20.76
C ASN B 26 26.76 -22.95 19.27
N ASP B 27 27.90 -22.34 18.93
CA ASP B 27 28.28 -22.09 17.53
C ASP B 27 29.77 -22.38 17.26
N PRO B 28 30.06 -23.45 16.50
CA PRO B 28 31.47 -23.83 16.32
C PRO B 28 32.28 -22.80 15.52
N ALA B 29 31.61 -21.94 14.75
CA ALA B 29 32.34 -20.92 13.99
C ALA B 29 33.13 -19.96 14.87
N LYS B 30 32.71 -19.84 16.14
CA LYS B 30 33.43 -19.00 17.10
C LYS B 30 34.88 -19.45 17.35
N ASP B 31 35.18 -20.74 17.13
CA ASP B 31 36.49 -21.31 17.36
C ASP B 31 37.57 -20.90 16.36
N ALA B 32 37.16 -20.35 15.22
CA ALA B 32 38.11 -19.84 14.24
C ALA B 32 38.69 -18.53 14.74
N THR B 33 39.94 -18.27 14.39
CA THR B 33 40.56 -16.99 14.67
C THR B 33 39.72 -15.92 13.98
N PRO B 34 39.37 -14.84 14.70
CA PRO B 34 38.61 -13.79 13.98
C PRO B 34 39.37 -13.26 12.79
N TYR B 35 38.65 -13.02 11.69
CA TYR B 35 39.24 -12.46 10.47
C TYR B 35 38.41 -11.31 9.97
N HIS B 36 39.07 -10.23 9.60
CA HIS B 36 38.40 -9.10 8.95
C HIS B 36 39.39 -8.34 8.11
N VAL B 37 38.94 -7.93 6.91
CA VAL B 37 39.67 -6.95 6.10
C VAL B 37 38.64 -5.94 5.62
N GLU B 38 39.09 -4.73 5.35
CA GLU B 38 38.17 -3.66 4.94
C GLU B 38 38.93 -2.58 4.21
N PHE B 39 38.39 -2.17 3.06
CA PHE B 39 39.01 -1.10 2.28
C PHE B 39 38.01 -0.49 1.31
N PRO B 40 38.23 0.78 0.92
CA PRO B 40 37.32 1.36 -0.07
C PRO B 40 37.43 0.67 -1.41
N LEU B 41 36.28 0.38 -2.02
CA LEU B 41 36.21 -0.28 -3.31
C LEU B 41 35.67 0.65 -4.41
N PHE B 42 34.74 1.53 -4.07
CA PHE B 42 34.26 2.54 -5.00
C PHE B 42 34.65 3.88 -4.41
N ARG B 43 35.59 4.52 -5.09
CA ARG B 43 36.28 5.68 -4.57
C ARG B 43 35.81 6.92 -5.26
N SER B 44 35.23 7.82 -4.48
CA SER B 44 34.65 9.06 -4.99
C SER B 44 35.70 10.00 -5.57
N ALA B 45 35.23 11.03 -6.27
CA ALA B 45 36.11 11.88 -7.08
C ALA B 45 37.21 12.59 -6.30
N ASN B 46 36.95 12.84 -5.01
CA ASN B 46 37.91 13.50 -4.12
C ASN B 46 39.05 12.60 -3.67
N MET B 47 38.95 11.30 -3.92
CA MET B 47 39.94 10.36 -3.43
C MET B 47 41.04 10.16 -4.44
N ALA B 48 42.20 9.83 -3.94
CA ALA B 48 43.26 9.32 -4.77
C ALA B 48 42.71 8.00 -5.29
N SER B 49 43.08 7.70 -6.52
CA SER B 49 42.54 6.53 -7.19
C SER B 49 41.01 6.56 -7.33
N ALA B 50 40.39 7.75 -7.34
CA ALA B 50 38.98 7.90 -7.73
C ALA B 50 38.67 6.98 -8.92
N ASP B 51 37.56 6.26 -8.81
CA ASP B 51 37.19 5.31 -9.85
C ASP B 51 36.53 6.01 -11.03
N LYS B 52 37.06 5.72 -12.20
CA LYS B 52 36.51 6.21 -13.47
C LYS B 52 36.42 5.04 -14.44
N LEU B 53 35.54 5.18 -15.43
CA LEU B 53 35.46 4.21 -16.51
C LEU B 53 36.65 4.34 -17.43
N SER B 54 36.86 3.31 -18.24
CA SER B 54 37.97 3.32 -19.22
C SER B 54 37.85 4.47 -20.23
N THR B 55 36.66 4.95 -20.44
CA THR B 55 36.37 6.05 -21.34
C THR B 55 36.86 7.40 -20.83
N GLY B 56 37.13 7.50 -19.53
CA GLY B 56 37.47 8.74 -18.88
C GLY B 56 36.34 9.33 -18.04
N VAL B 57 35.14 8.75 -18.15
CA VAL B 57 33.97 9.25 -17.41
C VAL B 57 34.10 8.92 -15.92
N GLY B 58 34.07 9.95 -15.08
CA GLY B 58 34.16 9.76 -13.65
C GLY B 58 32.90 10.13 -12.92
N PHE B 59 32.96 9.99 -11.60
CA PHE B 59 31.80 10.13 -10.75
C PHE B 59 32.12 10.84 -9.45
N HIS B 60 31.29 11.84 -9.14
CA HIS B 60 31.37 12.54 -7.88
C HIS B 60 31.27 11.53 -6.74
N SER B 61 30.25 10.68 -6.80
CA SER B 61 29.90 9.80 -5.69
C SER B 61 29.45 8.44 -6.18
N PHE B 62 29.61 7.44 -5.31
CA PHE B 62 29.05 6.12 -5.52
C PHE B 62 28.15 5.82 -4.35
N ARG B 63 26.92 5.39 -4.65
CA ARG B 63 25.95 5.02 -3.61
C ARG B 63 25.19 3.76 -4.06
N ILE B 64 24.45 3.18 -3.12
CA ILE B 64 23.45 2.16 -3.41
C ILE B 64 24.14 0.86 -3.89
N PRO B 65 24.88 0.23 -2.97
CA PRO B 65 25.62 -0.99 -3.32
C PRO B 65 24.75 -2.24 -3.51
N ALA B 66 25.28 -3.17 -4.28
CA ALA B 66 24.71 -4.51 -4.39
C ALA B 66 25.88 -5.45 -4.65
N VAL B 67 25.92 -6.59 -3.97
CA VAL B 67 26.99 -7.53 -4.22
C VAL B 67 26.46 -8.96 -4.25
N VAL B 68 26.98 -9.76 -5.19
CA VAL B 68 26.70 -11.18 -5.24
C VAL B 68 27.95 -11.95 -5.60
N ARG B 69 28.14 -13.08 -4.92
CA ARG B 69 29.05 -14.12 -5.35
C ARG B 69 28.34 -14.98 -6.39
N THR B 70 29.01 -15.24 -7.51
CA THR B 70 28.44 -16.05 -8.58
C THR B 70 28.78 -17.50 -8.31
N THR B 71 28.24 -18.39 -9.13
CA THR B 71 28.47 -19.82 -8.91
C THR B 71 29.88 -20.22 -9.26
N THR B 72 30.65 -19.36 -9.91
CA THR B 72 32.06 -19.63 -10.14
C THR B 72 32.94 -19.27 -8.94
N GLY B 73 32.43 -18.40 -8.06
CA GLY B 73 33.22 -17.84 -6.96
C GLY B 73 33.65 -16.41 -7.22
N ARG B 74 33.48 -15.95 -8.46
CA ARG B 74 33.71 -14.54 -8.77
C ARG B 74 32.72 -13.70 -7.96
N ILE B 75 33.16 -12.51 -7.57
CA ILE B 75 32.25 -11.60 -6.88
C ILE B 75 31.97 -10.41 -7.80
N LEU B 76 30.72 -10.02 -7.89
CA LEU B 76 30.27 -8.88 -8.65
C LEU B 76 29.74 -7.84 -7.68
N ALA B 77 30.32 -6.64 -7.77
CA ALA B 77 29.87 -5.48 -6.98
C ALA B 77 29.32 -4.38 -7.82
N PHE B 78 28.09 -3.96 -7.55
CA PHE B 78 27.40 -2.93 -8.34
C PHE B 78 27.18 -1.69 -7.48
N ALA B 79 27.00 -0.57 -8.14
CA ALA B 79 26.66 0.68 -7.47
C ALA B 79 26.06 1.66 -8.45
N GLU B 80 25.40 2.68 -7.90
CA GLU B 80 25.07 3.87 -8.66
C GLU B 80 26.27 4.80 -8.72
N GLY B 81 26.72 5.06 -9.95
CA GLY B 81 27.72 6.08 -10.20
C GLY B 81 27.00 7.39 -10.41
N ARG B 82 27.07 8.25 -9.39
CA ARG B 82 26.33 9.49 -9.39
C ARG B 82 27.27 10.55 -9.93
N ARG B 83 26.97 11.00 -11.14
CA ARG B 83 27.98 11.70 -11.95
C ARG B 83 28.43 13.00 -11.34
N HIS B 84 27.47 13.86 -10.99
CA HIS B 84 27.81 15.25 -10.72
C HIS B 84 27.70 15.65 -9.24
N ASP B 85 26.93 14.90 -8.46
CA ASP B 85 26.74 15.17 -7.04
C ASP B 85 26.19 13.91 -6.39
N ASN B 86 25.84 13.96 -5.11
CA ASN B 86 25.42 12.73 -4.41
C ASN B 86 23.91 12.49 -4.42
N ARG B 87 23.17 13.34 -5.10
CA ARG B 87 21.71 13.28 -5.07
C ARG B 87 21.14 12.08 -5.84
N ASP B 88 19.89 11.73 -5.52
CA ASP B 88 19.29 10.49 -5.99
C ASP B 88 18.78 10.55 -7.44
N PHE B 89 18.84 11.73 -8.05
CA PHE B 89 18.29 11.95 -9.38
C PHE B 89 19.37 12.62 -10.22
N GLY B 90 19.03 12.94 -11.47
CA GLY B 90 20.01 13.44 -12.42
C GLY B 90 20.72 12.27 -13.09
N ASP B 91 21.87 12.59 -13.70
CA ASP B 91 22.60 11.64 -14.54
C ASP B 91 23.36 10.66 -13.63
N ILE B 92 22.84 9.44 -13.59
CA ILE B 92 23.37 8.38 -12.72
C ILE B 92 23.48 7.12 -13.58
N ASN B 93 24.65 6.49 -13.54
CA ASN B 93 24.92 5.31 -14.33
C ASN B 93 25.10 4.12 -13.40
N LEU B 94 24.76 2.94 -13.91
CA LEU B 94 24.89 1.72 -13.12
C LEU B 94 26.25 1.14 -13.41
N VAL B 95 27.13 1.20 -12.42
CA VAL B 95 28.53 0.79 -12.56
C VAL B 95 28.82 -0.49 -11.75
N TYR B 96 29.95 -1.10 -12.05
CA TYR B 96 30.32 -2.33 -11.35
C TYR B 96 31.79 -2.65 -11.38
N LYS B 97 32.19 -3.55 -10.49
CA LYS B 97 33.48 -4.19 -10.54
C LYS B 97 33.30 -5.68 -10.32
N ARG B 98 34.20 -6.48 -10.90
CA ARG B 98 34.26 -7.89 -10.63
C ARG B 98 35.61 -8.21 -10.00
N THR B 99 35.70 -9.27 -9.22
CA THR B 99 37.02 -9.78 -8.88
C THR B 99 37.72 -10.26 -10.15
N LYS B 100 39.03 -10.14 -10.16
CA LYS B 100 39.82 -10.47 -11.35
C LYS B 100 39.73 -11.94 -11.70
N THR B 101 39.61 -12.79 -10.69
CA THR B 101 39.53 -14.23 -10.91
C THR B 101 38.32 -14.76 -10.19
N THR B 102 38.09 -16.05 -10.33
CA THR B 102 36.97 -16.69 -9.68
C THR B 102 37.31 -17.23 -8.29
N SER B 103 38.56 -17.11 -7.87
CA SER B 103 38.99 -17.75 -6.63
C SER B 103 39.81 -16.87 -5.70
N ASP B 104 39.81 -15.56 -5.94
CA ASP B 104 40.52 -14.64 -5.06
C ASP B 104 39.64 -14.08 -3.93
N ASN B 105 38.32 -14.21 -4.06
CA ASN B 105 37.36 -13.79 -3.04
C ASN B 105 37.43 -12.31 -2.68
N GLY B 106 37.99 -11.51 -3.57
CA GLY B 106 38.09 -10.08 -3.35
C GLY B 106 38.92 -9.72 -2.13
N ALA B 107 39.91 -10.54 -1.80
CA ALA B 107 40.61 -10.42 -0.51
C ALA B 107 41.42 -9.13 -0.35
N THR B 108 41.96 -8.60 -1.45
CA THR B 108 42.78 -7.40 -1.42
C THR B 108 42.32 -6.48 -2.55
N LEU B 109 42.70 -5.21 -2.48
CA LEU B 109 42.32 -4.26 -3.51
C LEU B 109 42.79 -4.71 -4.89
N SER B 110 43.98 -5.30 -4.95
CA SER B 110 44.55 -5.78 -6.21
C SER B 110 43.79 -6.95 -6.81
N ASP B 111 42.84 -7.52 -6.07
CA ASP B 111 42.01 -8.59 -6.61
C ASP B 111 40.76 -8.11 -7.34
N TRP B 112 40.60 -6.80 -7.48
CA TRP B 112 39.43 -6.25 -8.12
C TRP B 112 39.77 -5.58 -9.44
N GLU B 113 38.94 -5.86 -10.45
CA GLU B 113 39.06 -5.19 -11.75
C GLU B 113 38.75 -3.72 -11.63
N SER B 114 39.13 -2.97 -12.65
CA SER B 114 38.78 -1.57 -12.73
C SER B 114 37.29 -1.40 -13.01
N LEU B 115 36.80 -0.20 -12.76
CA LEU B 115 35.39 0.11 -12.87
C LEU B 115 34.86 -0.09 -14.29
N ARG B 116 33.69 -0.72 -14.38
CA ARG B 116 32.97 -0.90 -15.64
C ARG B 116 31.55 -0.41 -15.49
N GLU B 117 30.82 -0.38 -16.60
CA GLU B 117 29.45 0.13 -16.62
C GLU B 117 28.50 -0.92 -17.17
N VAL B 118 27.42 -1.16 -16.43
CA VAL B 118 26.32 -2.00 -16.91
C VAL B 118 25.49 -1.22 -17.90
N VAL B 119 25.03 -0.03 -17.50
CA VAL B 119 24.22 0.84 -18.36
C VAL B 119 24.36 2.28 -17.90
N GLY B 120 24.50 3.20 -18.84
CA GLY B 120 24.54 4.62 -18.50
C GLY B 120 23.86 5.51 -19.52
N SER B 121 23.01 4.92 -20.36
CA SER B 121 22.44 5.62 -21.52
C SER B 121 21.54 6.75 -21.06
N GLY B 122 21.70 7.92 -21.67
CA GLY B 122 20.90 9.07 -21.37
C GLY B 122 21.31 9.80 -20.10
N ASP B 123 20.61 10.89 -19.82
CA ASP B 123 20.96 11.74 -18.69
C ASP B 123 20.01 11.52 -17.51
N GLY B 124 19.25 10.42 -17.56
CA GLY B 124 18.40 10.02 -16.46
C GLY B 124 19.09 9.16 -15.44
N THR B 125 18.29 8.59 -14.57
CA THR B 125 18.79 7.84 -13.43
C THR B 125 18.65 6.34 -13.68
N TRP B 126 19.78 5.64 -13.76
CA TRP B 126 19.81 4.17 -13.73
C TRP B 126 20.31 3.76 -12.36
N GLY B 127 19.49 3.06 -11.60
CA GLY B 127 19.88 2.74 -10.24
C GLY B 127 19.18 1.55 -9.63
N ASN B 128 19.22 1.51 -8.30
CA ASN B 128 18.61 0.44 -7.50
C ASN B 128 19.07 -0.95 -7.92
N PRO B 129 20.38 -1.15 -8.01
CA PRO B 129 20.81 -2.50 -8.38
C PRO B 129 20.29 -3.60 -7.44
N THR B 130 19.65 -4.62 -8.04
CA THR B 130 19.11 -5.75 -7.28
C THR B 130 19.39 -7.04 -8.08
N PRO B 131 20.60 -7.59 -7.93
CA PRO B 131 20.97 -8.81 -8.62
C PRO B 131 20.49 -10.08 -7.93
N VAL B 132 20.22 -11.10 -8.74
CA VAL B 132 20.05 -12.45 -8.24
C VAL B 132 20.77 -13.42 -9.15
N VAL B 133 21.46 -14.37 -8.53
CA VAL B 133 22.19 -15.39 -9.26
C VAL B 133 21.32 -16.62 -9.45
N ASP B 134 21.31 -17.12 -10.69
CA ASP B 134 20.53 -18.31 -11.05
C ASP B 134 21.40 -19.18 -11.94
CA GLY B 136 25.04 -19.44 -15.01
C GLY B 136 24.51 -18.13 -15.51
N THR B 137 23.45 -17.62 -14.89
CA THR B 137 22.86 -16.34 -15.28
C THR B 137 22.79 -15.43 -14.06
N ILE B 138 23.18 -14.18 -14.24
CA ILE B 138 22.94 -13.17 -13.23
C ILE B 138 21.86 -12.23 -13.79
N TYR B 139 20.75 -12.11 -13.06
CA TYR B 139 19.68 -11.20 -13.39
C TYR B 139 19.84 -9.96 -12.54
N LEU B 140 19.95 -8.80 -13.19
CA LEU B 140 20.08 -7.54 -12.48
C LEU B 140 18.85 -6.69 -12.76
N PHE B 141 18.01 -6.55 -11.74
CA PHE B 141 16.88 -5.65 -11.81
C PHE B 141 17.30 -4.25 -11.42
N LEU B 142 16.74 -3.25 -12.11
CA LEU B 142 17.10 -1.85 -11.92
C LEU B 142 15.84 -1.00 -11.94
N SER B 143 15.94 0.17 -11.32
CA SER B 143 14.94 1.21 -11.46
C SER B 143 15.50 2.31 -12.37
N TRP B 144 14.60 3.01 -13.04
CA TRP B 144 15.01 4.12 -13.91
C TRP B 144 14.01 5.24 -13.79
N ASN B 145 14.50 6.48 -13.89
CA ASN B 145 13.64 7.61 -14.16
C ASN B 145 14.27 8.57 -15.15
N ASN B 146 13.39 9.28 -15.85
CA ASN B 146 13.82 10.32 -16.80
C ASN B 146 14.62 11.38 -16.05
N GLY B 147 15.62 11.95 -16.72
CA GLY B 147 16.51 12.92 -16.09
C GLY B 147 15.88 14.28 -15.78
N SER B 148 14.66 14.51 -16.28
CA SER B 148 13.93 15.74 -15.98
C SER B 148 13.05 15.61 -14.74
N TYR B 149 13.04 14.42 -14.13
CA TYR B 149 12.14 14.15 -13.01
C TYR B 149 12.91 13.78 -11.73
N SER B 150 12.34 14.12 -10.58
CA SER B 150 12.87 13.62 -9.31
C SER B 150 11.71 13.25 -8.38
N GLN B 151 12.05 12.53 -7.31
CA GLN B 151 11.01 12.02 -6.42
C GLN B 151 10.13 13.11 -5.82
N LYS B 152 10.76 14.22 -5.45
CA LYS B 152 10.02 15.37 -4.86
C LYS B 152 9.59 16.39 -5.88
N GLY B 153 10.35 16.49 -6.98
CA GLY B 153 10.18 17.57 -7.93
C GLY B 153 10.76 18.86 -7.37
N GLY B 154 11.01 19.83 -8.24
CA GLY B 154 11.49 21.14 -7.81
C GLY B 154 12.98 21.23 -7.52
N ASP B 155 13.74 20.18 -7.87
CA ASP B 155 15.17 20.16 -7.65
C ASP B 155 15.90 20.77 -8.83
N GLU B 156 16.97 21.51 -8.55
CA GLU B 156 17.75 22.16 -9.60
C GLU B 156 18.88 21.26 -10.06
N LEU B 157 18.90 20.97 -11.35
CA LEU B 157 19.97 20.20 -11.99
C LEU B 157 21.16 21.08 -12.31
N PRO B 158 22.32 20.47 -12.60
CA PRO B 158 23.52 21.28 -12.86
C PRO B 158 23.38 22.36 -13.94
N ASP B 159 22.59 22.05 -14.99
CA ASP B 159 22.37 23.03 -16.05
C ASP B 159 21.27 24.05 -15.72
N GLY B 160 20.75 24.02 -14.50
CA GLY B 160 19.81 25.03 -14.04
C GLY B 160 18.34 24.68 -14.20
N THR B 161 18.04 23.60 -14.92
CA THR B 161 16.65 23.21 -15.09
C THR B 161 16.11 22.60 -13.79
N ILE B 162 14.81 22.80 -13.59
CA ILE B 162 14.12 22.38 -12.38
C ILE B 162 13.36 21.12 -12.69
N THR B 163 13.52 20.10 -11.84
CA THR B 163 12.87 18.83 -12.09
C THR B 163 11.36 18.90 -11.88
N LYS B 164 10.65 18.07 -12.63
CA LYS B 164 9.25 17.79 -12.34
C LYS B 164 9.20 16.63 -11.35
N LYS B 165 8.09 16.57 -10.64
CA LYS B 165 7.88 15.47 -9.71
C LYS B 165 7.50 14.19 -10.45
N ILE B 166 8.15 13.07 -10.07
CA ILE B 166 7.74 11.77 -10.58
C ILE B 166 6.20 11.63 -10.48
N ASP B 167 5.58 11.19 -11.56
CA ASP B 167 4.13 11.10 -11.64
C ASP B 167 3.72 9.76 -12.27
N THR B 168 2.44 9.64 -12.65
CA THR B 168 1.94 8.34 -13.09
C THR B 168 1.98 8.19 -14.60
N THR B 169 2.45 9.20 -15.31
CA THR B 169 2.56 9.12 -16.76
C THR B 169 3.67 8.13 -17.13
N TRP B 170 3.57 7.57 -18.32
CA TRP B 170 4.62 6.67 -18.81
C TRP B 170 5.98 7.36 -18.79
N TYR B 171 6.03 8.62 -19.18
CA TYR B 171 7.32 9.30 -19.32
C TYR B 171 7.84 9.82 -17.98
N GLY B 172 6.96 10.08 -17.02
CA GLY B 172 7.36 10.67 -15.75
C GLY B 172 7.33 9.72 -14.57
N ARG B 173 7.01 8.45 -14.81
CA ARG B 173 7.01 7.47 -13.70
C ARG B 173 8.35 6.76 -13.58
N ARG B 174 8.49 6.04 -12.47
CA ARG B 174 9.66 5.18 -12.28
C ARG B 174 9.45 3.85 -12.99
N HIS B 175 10.44 3.48 -13.80
CA HIS B 175 10.41 2.25 -14.58
C HIS B 175 11.20 1.13 -13.88
N LEU B 176 10.94 -0.10 -14.31
CA LEU B 176 11.61 -1.29 -13.82
C LEU B 176 12.26 -1.96 -15.03
N TYR B 177 13.57 -2.18 -14.95
CA TYR B 177 14.33 -2.77 -16.04
C TYR B 177 15.04 -4.03 -15.58
N LEU B 178 15.32 -4.91 -16.54
CA LEU B 178 16.10 -6.11 -16.32
C LEU B 178 17.21 -6.22 -17.35
N THR B 179 18.42 -6.41 -16.87
CA THR B 179 19.57 -6.76 -17.70
C THR B 179 20.17 -8.07 -17.17
N THR B 180 20.74 -8.85 -18.07
N THR B 180 20.74 -8.86 -18.06
CA THR B 180 21.21 -10.17 -17.72
CA THR B 180 21.16 -10.21 -17.76
C THR B 180 22.64 -10.36 -18.20
C THR B 180 22.61 -10.40 -18.22
N SER B 181 23.39 -11.15 -17.44
CA SER B 181 24.73 -11.60 -17.85
C SER B 181 24.77 -13.11 -17.81
N THR B 182 25.32 -13.71 -18.84
CA THR B 182 25.53 -15.15 -18.91
C THR B 182 27.01 -15.49 -19.01
N ASP B 183 27.88 -14.50 -18.80
CA ASP B 183 29.34 -14.70 -18.88
C ASP B 183 30.03 -14.19 -17.61
N ASP B 184 29.40 -14.47 -16.46
CA ASP B 184 29.99 -14.18 -15.15
C ASP B 184 30.22 -12.68 -14.97
N GLY B 185 29.29 -11.89 -15.50
CA GLY B 185 29.32 -10.47 -15.33
C GLY B 185 30.18 -9.72 -16.32
N ASN B 186 30.80 -10.42 -17.27
CA ASN B 186 31.71 -9.75 -18.20
C ASN B 186 30.97 -8.77 -19.09
N THR B 187 29.80 -9.20 -19.58
CA THR B 187 28.94 -8.35 -20.40
C THR B 187 27.48 -8.47 -19.97
N TRP B 188 26.72 -7.42 -20.33
CA TRP B 188 25.33 -7.26 -19.90
C TRP B 188 24.42 -6.99 -21.09
N SER B 189 23.23 -7.58 -21.07
CA SER B 189 22.28 -7.34 -22.16
C SER B 189 21.74 -5.92 -22.07
N LYS B 190 21.28 -5.40 -23.20
CA LYS B 190 20.58 -4.11 -23.21
C LYS B 190 19.38 -4.20 -22.26
N PRO B 191 19.27 -3.27 -21.29
CA PRO B 191 18.19 -3.46 -20.31
C PRO B 191 16.81 -3.43 -20.95
N GLN B 192 15.97 -4.36 -20.52
CA GLN B 192 14.62 -4.54 -21.02
C GLN B 192 13.63 -3.89 -20.05
N ASP B 193 12.75 -3.05 -20.57
CA ASP B 193 11.77 -2.36 -19.74
C ASP B 193 10.62 -3.32 -19.45
N LEU B 194 10.48 -3.70 -18.18
CA LEU B 194 9.45 -4.62 -17.75
C LEU B 194 8.40 -3.93 -16.85
N THR B 195 8.33 -2.60 -16.94
CA THR B 195 7.40 -1.84 -16.10
C THR B 195 5.95 -2.29 -16.29
N LYS B 196 5.50 -2.44 -17.52
CA LYS B 196 4.09 -2.77 -17.74
C LYS B 196 3.76 -4.18 -17.25
N GLU B 197 4.78 -5.04 -17.20
CA GLU B 197 4.61 -6.43 -16.80
C GLU B 197 4.75 -6.61 -15.29
N LEU B 198 5.65 -5.85 -14.66
CA LEU B 198 6.04 -6.15 -13.28
C LEU B 198 5.88 -5.01 -12.28
N THR B 199 5.31 -3.89 -12.72
CA THR B 199 4.95 -2.80 -11.83
C THR B 199 3.45 -2.54 -12.05
N PRO B 200 2.69 -2.37 -10.95
CA PRO B 200 1.27 -2.12 -11.13
C PRO B 200 1.00 -0.85 -11.91
N ASP B 201 -0.05 -0.90 -12.72
CA ASP B 201 -0.53 0.31 -13.41
C ASP B 201 -0.91 1.36 -12.39
N GLY B 202 -0.67 2.63 -12.73
CA GLY B 202 -1.05 3.72 -11.89
C GLY B 202 -0.02 4.13 -10.87
N TRP B 203 1.09 3.40 -10.80
CA TRP B 203 2.14 3.79 -9.85
C TRP B 203 2.95 4.93 -10.41
N SER B 204 3.51 5.73 -9.50
CA SER B 204 4.40 6.82 -9.86
C SER B 204 5.79 6.44 -9.38
N TRP B 205 6.10 6.68 -8.09
CA TRP B 205 7.34 6.19 -7.50
C TRP B 205 7.36 4.66 -7.54
N ASP B 206 8.56 4.13 -7.65
CA ASP B 206 8.81 2.70 -7.53
C ASP B 206 10.29 2.52 -7.16
N ALA B 207 10.59 1.32 -6.67
CA ALA B 207 11.94 0.87 -6.36
C ALA B 207 11.96 -0.63 -6.45
N VAL B 208 13.09 -1.13 -6.89
CA VAL B 208 13.45 -2.54 -6.73
C VAL B 208 14.63 -2.61 -5.77
N GLY B 209 14.62 -3.60 -4.89
CA GLY B 209 15.65 -3.68 -3.85
C GLY B 209 15.80 -2.33 -3.17
N PRO B 210 17.01 -1.82 -3.03
CA PRO B 210 18.24 -2.31 -3.68
C PRO B 210 18.97 -3.29 -2.80
N GLY B 211 19.81 -4.13 -3.43
CA GLY B 211 20.69 -5.00 -2.68
C GLY B 211 20.81 -6.36 -3.34
N ASN B 212 19.80 -7.21 -3.18
CA ASN B 212 19.84 -8.52 -3.82
C ASN B 212 18.51 -9.25 -3.79
N GLY B 213 18.34 -10.14 -4.77
CA GLY B 213 17.30 -11.16 -4.75
C GLY B 213 17.91 -12.48 -4.35
N ILE B 214 17.05 -13.48 -4.26
CA ILE B 214 17.44 -14.82 -3.76
C ILE B 214 16.90 -15.91 -4.68
N LYS B 215 17.49 -17.08 -4.55
CA LYS B 215 17.01 -18.31 -5.18
C LYS B 215 16.62 -19.26 -4.06
N LEU B 216 15.36 -19.72 -4.09
CA LEU B 216 14.86 -20.58 -3.01
C LEU B 216 15.43 -21.98 -3.16
N SER B 217 15.41 -22.72 -2.07
CA SER B 217 15.78 -24.13 -2.09
C SER B 217 14.94 -24.91 -3.11
N SER B 218 13.70 -24.45 -3.34
CA SER B 218 12.77 -25.09 -4.27
C SER B 218 12.91 -24.57 -5.72
N GLY B 219 13.81 -23.61 -5.94
CA GLY B 219 14.21 -23.23 -7.30
C GLY B 219 13.73 -21.88 -7.81
N GLU B 220 12.71 -21.32 -7.19
CA GLU B 220 12.19 -20.01 -7.65
C GLU B 220 13.15 -18.87 -7.30
N LEU B 221 13.12 -17.83 -8.13
CA LEU B 221 13.84 -16.58 -7.85
C LEU B 221 12.87 -15.61 -7.22
N VAL B 222 13.32 -14.92 -6.17
CA VAL B 222 12.47 -13.92 -5.51
C VAL B 222 13.27 -12.65 -5.35
N VAL B 223 12.76 -11.57 -5.94
CA VAL B 223 13.44 -10.28 -5.95
C VAL B 223 12.55 -9.27 -5.21
N PRO B 224 13.08 -8.66 -4.15
CA PRO B 224 12.24 -7.75 -3.38
C PRO B 224 12.10 -6.40 -4.09
N ALA B 225 10.91 -5.82 -4.03
CA ALA B 225 10.62 -4.54 -4.63
C ALA B 225 9.59 -3.80 -3.81
N MET B 226 9.32 -2.55 -4.17
CA MET B 226 8.34 -1.75 -3.46
C MET B 226 6.98 -2.44 -3.51
N GLY B 227 6.38 -2.68 -2.35
CA GLY B 227 5.04 -3.24 -2.32
C GLY B 227 4.85 -4.64 -2.86
N ARG B 228 5.94 -5.38 -3.14
CA ARG B 228 5.79 -6.62 -3.89
C ARG B 228 7.06 -7.43 -3.96
N ASN B 229 6.90 -8.73 -4.23
CA ASN B 229 8.02 -9.53 -4.71
C ASN B 229 7.87 -9.70 -6.20
N ILE B 230 9.01 -9.70 -6.89
CA ILE B 230 9.09 -10.11 -8.29
C ILE B 230 9.59 -11.55 -8.27
N VAL B 231 8.83 -12.43 -8.89
CA VAL B 231 9.03 -13.86 -8.74
C VAL B 231 9.31 -14.52 -10.08
N GLY B 232 10.43 -15.22 -10.13
CA GLY B 232 10.88 -15.91 -11.34
C GLY B 232 10.69 -17.40 -11.19
N ARG B 233 9.66 -17.92 -11.85
CA ARG B 233 9.38 -19.37 -11.85
C ARG B 233 10.00 -19.99 -13.09
N GLY B 234 9.82 -21.28 -13.28
CA GLY B 234 10.49 -21.97 -14.36
C GLY B 234 11.77 -22.62 -13.90
N THR B 235 12.78 -22.59 -14.76
CA THR B 235 14.04 -23.23 -14.46
C THR B 235 15.17 -22.35 -14.97
N PRO B 236 16.42 -22.66 -14.58
CA PRO B 236 17.52 -21.89 -15.18
C PRO B 236 17.50 -22.00 -16.72
N GLY B 237 17.66 -20.85 -17.39
CA GLY B 237 17.57 -20.82 -18.85
C GLY B 237 16.16 -20.63 -19.39
N GLN B 238 15.17 -20.62 -18.50
CA GLN B 238 13.77 -20.53 -18.93
C GLN B 238 12.92 -20.03 -17.75
N ARG B 239 13.14 -18.78 -17.40
CA ARG B 239 12.45 -18.14 -16.28
C ARG B 239 11.26 -17.35 -16.75
N THR B 240 10.21 -17.33 -15.94
CA THR B 240 9.02 -16.53 -16.21
C THR B 240 8.76 -15.68 -14.98
N TRP B 241 8.53 -14.39 -15.20
CA TRP B 241 8.38 -13.42 -14.12
C TRP B 241 6.93 -12.99 -13.89
N SER B 242 6.60 -12.84 -12.60
CA SER B 242 5.30 -12.30 -12.19
C SER B 242 5.44 -11.56 -10.87
N VAL B 243 4.34 -10.95 -10.45
CA VAL B 243 4.31 -10.12 -9.24
C VAL B 243 3.51 -10.78 -8.14
N GLN B 244 4.07 -10.80 -6.94
CA GLN B 244 3.31 -11.11 -5.74
C GLN B 244 3.17 -9.81 -4.94
N ARG B 245 1.98 -9.22 -4.95
N ARG B 245 1.97 -9.21 -4.97
CA ARG B 245 1.78 -7.93 -4.29
CA ARG B 245 1.73 -7.97 -4.25
C ARG B 245 1.69 -8.18 -2.78
C ARG B 245 1.76 -8.25 -2.76
N LEU B 246 2.29 -7.29 -2.00
CA LEU B 246 2.38 -7.42 -0.55
C LEU B 246 1.86 -6.13 0.11
N ASN B 247 0.65 -6.17 0.64
CA ASN B 247 0.10 -4.97 1.30
C ASN B 247 0.97 -4.57 2.49
N GLY B 248 1.30 -3.28 2.52
CA GLY B 248 2.06 -2.69 3.64
C GLY B 248 3.56 -2.93 3.60
N ALA B 249 4.10 -3.51 2.52
CA ALA B 249 5.54 -3.64 2.41
C ALA B 249 6.19 -2.28 2.26
N GLY B 250 7.50 -2.23 2.51
CA GLY B 250 8.27 -1.04 2.28
C GLY B 250 8.51 -0.77 0.81
N ALA B 251 9.11 0.39 0.57
CA ALA B 251 9.58 0.74 -0.74
C ALA B 251 10.89 0.00 -1.02
N GLU B 252 11.74 -0.08 0.00
CA GLU B 252 13.04 -0.73 -0.12
C GLU B 252 13.06 -1.96 0.77
N GLY B 253 12.90 -3.11 0.13
CA GLY B 253 12.78 -4.35 0.88
C GLY B 253 13.97 -5.27 0.76
N THR B 254 14.05 -6.20 1.73
CA THR B 254 14.99 -7.31 1.65
C THR B 254 14.20 -8.59 1.84
N VAL B 255 14.70 -9.68 1.29
CA VAL B 255 14.02 -10.95 1.40
C VAL B 255 15.06 -12.06 1.60
N CYS B 256 14.70 -13.07 2.39
CA CYS B 256 15.45 -14.31 2.38
C CYS B 256 14.59 -15.45 2.80
N GLU B 257 15.13 -16.64 2.59
CA GLU B 257 14.49 -17.87 2.98
C GLU B 257 15.06 -18.18 4.36
N THR B 258 14.17 -18.30 5.35
CA THR B 258 14.61 -18.58 6.69
C THR B 258 14.78 -20.10 6.87
N PRO B 259 15.39 -20.53 7.98
CA PRO B 259 15.67 -21.96 8.11
C PRO B 259 14.45 -22.88 8.04
N ASP B 260 13.27 -22.35 8.40
CA ASP B 260 12.02 -23.10 8.29
C ASP B 260 11.52 -23.26 6.85
N GLY B 261 12.24 -22.68 5.88
CA GLY B 261 11.84 -22.78 4.48
C GLY B 261 10.86 -21.73 4.00
N LYS B 262 10.40 -20.87 4.91
CA LYS B 262 9.47 -19.79 4.54
C LYS B 262 10.25 -18.56 4.13
N LEU B 263 9.53 -17.57 3.63
CA LEU B 263 10.12 -16.32 3.20
C LEU B 263 9.96 -15.28 4.30
N TYR B 264 10.88 -14.33 4.28
CA TYR B 264 11.01 -13.31 5.30
C TYR B 264 11.35 -12.02 4.58
N ARG B 265 10.43 -11.03 4.72
CA ARG B 265 10.70 -9.67 4.23
C ARG B 265 11.06 -8.82 5.42
N ASN B 266 12.17 -8.10 5.29
CA ASN B 266 12.62 -7.22 6.31
C ASN B 266 12.95 -5.90 5.59
N ASP B 267 12.06 -4.93 5.76
CA ASP B 267 12.04 -3.75 4.91
C ASP B 267 12.31 -2.47 5.71
N ARG B 268 12.74 -1.45 4.98
CA ARG B 268 12.89 -0.12 5.49
C ARG B 268 11.51 0.48 5.81
N PRO B 269 11.36 1.06 7.00
CA PRO B 269 10.09 1.69 7.37
C PRO B 269 9.91 3.05 6.69
N SER B 270 8.66 3.52 6.64
CA SER B 270 8.36 4.82 6.03
C SER B 270 8.84 5.95 6.91
N LYS B 271 8.92 5.72 8.21
CA LYS B 271 9.47 6.70 9.14
C LYS B 271 10.46 6.00 10.06
N ALA B 272 11.43 6.75 10.55
CA ALA B 272 12.46 6.17 11.39
C ALA B 272 11.91 5.50 12.64
N GLY B 273 12.56 4.42 13.05
CA GLY B 273 12.17 3.71 14.24
C GLY B 273 12.75 2.31 14.23
N TYR B 274 12.10 1.44 13.47
CA TYR B 274 12.40 0.01 13.45
C TYR B 274 12.13 -0.57 12.08
N ARG B 275 12.84 -1.64 11.76
CA ARG B 275 12.54 -2.42 10.57
C ARG B 275 11.10 -2.93 10.64
N ILE B 276 10.51 -3.13 9.47
CA ILE B 276 9.19 -3.77 9.38
C ILE B 276 9.36 -5.13 8.72
N VAL B 277 8.69 -6.13 9.28
CA VAL B 277 8.91 -7.51 8.90
C VAL B 277 7.58 -8.20 8.59
N ALA B 278 7.60 -9.07 7.58
CA ALA B 278 6.46 -9.91 7.28
C ALA B 278 6.99 -11.27 6.85
N ARG B 279 6.15 -12.30 7.01
CA ARG B 279 6.59 -13.64 6.66
C ARG B 279 5.54 -14.32 5.83
N GLY B 280 5.99 -15.26 5.00
CA GLY B 280 5.05 -15.92 4.13
C GLY B 280 5.65 -16.92 3.18
N THR B 281 4.85 -17.27 2.16
CA THR B 281 5.28 -18.17 1.11
C THR B 281 4.79 -17.68 -0.25
N LEU B 282 5.36 -18.21 -1.31
CA LEU B 282 4.90 -17.88 -2.65
C LEU B 282 3.47 -18.38 -2.86
N SER B 283 3.17 -19.57 -2.35
CA SER B 283 1.87 -20.21 -2.54
C SER B 283 0.74 -19.59 -1.73
N ASP B 284 1.03 -19.23 -0.48
CA ASP B 284 -0.02 -18.81 0.46
C ASP B 284 0.00 -17.31 0.78
N GLY B 285 1.02 -16.60 0.34
CA GLY B 285 1.10 -15.17 0.57
C GLY B 285 1.76 -14.83 1.89
N PHE B 286 1.72 -13.54 2.22
CA PHE B 286 2.39 -12.99 3.39
C PHE B 286 1.45 -12.43 4.43
N SER B 287 1.92 -12.48 5.67
CA SER B 287 1.33 -11.72 6.77
C SER B 287 1.37 -10.21 6.47
N ASP B 288 0.57 -9.44 7.19
CA ASP B 288 0.79 -8.00 7.27
C ASP B 288 2.21 -7.74 7.82
N PHE B 289 2.74 -6.57 7.52
CA PHE B 289 4.02 -6.12 8.07
C PHE B 289 3.82 -5.55 9.48
N ALA B 290 4.81 -5.79 10.32
CA ALA B 290 4.82 -5.27 11.68
C ALA B 290 6.22 -4.78 12.09
N SER B 291 6.26 -3.73 12.91
CA SER B 291 7.55 -3.25 13.42
C SER B 291 8.23 -4.31 14.22
N ASP B 292 9.53 -4.46 13.99
CA ASP B 292 10.38 -5.35 14.74
C ASP B 292 11.16 -4.55 15.77
N SER B 293 10.72 -4.60 17.02
CA SER B 293 11.33 -3.79 18.08
C SER B 293 12.77 -4.19 18.44
N GLY B 294 13.22 -5.35 17.95
CA GLY B 294 14.58 -5.80 18.15
C GLY B 294 15.58 -5.22 17.14
N LEU B 295 15.06 -4.55 16.11
CA LEU B 295 15.90 -4.00 15.04
C LEU B 295 15.62 -2.52 14.78
N PRO B 296 16.21 -1.65 15.61
CA PRO B 296 16.09 -0.23 15.32
C PRO B 296 16.67 0.11 13.95
N ASP B 297 16.11 1.13 13.33
CA ASP B 297 16.51 1.54 11.99
C ASP B 297 16.15 3.00 11.84
N PRO B 298 17.00 3.77 11.15
CA PRO B 298 16.76 5.22 11.07
C PRO B 298 15.99 5.64 9.80
N ALA B 299 15.25 4.71 9.20
CA ALA B 299 14.68 4.85 7.85
C ALA B 299 15.83 4.86 6.83
N CYS B 300 16.41 3.68 6.66
CA CYS B 300 17.51 3.46 5.73
C CYS B 300 17.42 2.04 5.21
N GLN B 301 18.02 1.78 4.06
CA GLN B 301 18.07 0.44 3.51
C GLN B 301 18.92 -0.44 4.43
N GLY B 302 18.63 -1.74 4.42
CA GLY B 302 19.39 -2.76 5.12
C GLY B 302 19.66 -3.93 4.16
N SER B 303 20.27 -4.99 4.69
CA SER B 303 20.57 -6.18 3.93
C SER B 303 20.44 -7.42 4.80
N VAL B 304 20.10 -8.52 4.19
CA VAL B 304 19.89 -9.79 4.85
C VAL B 304 20.50 -10.92 4.00
N LEU B 305 20.96 -11.97 4.65
CA LEU B 305 21.64 -13.07 3.98
C LEU B 305 21.38 -14.42 4.65
N LYS B 306 20.94 -15.39 3.87
CA LYS B 306 20.86 -16.77 4.33
C LYS B 306 22.30 -17.31 4.27
N TYR B 307 22.88 -17.61 5.43
CA TYR B 307 24.28 -18.02 5.44
C TYR B 307 24.45 -19.52 5.23
N ASN B 308 23.64 -20.31 5.93
CA ASN B 308 23.79 -21.77 5.86
C ASN B 308 22.53 -22.46 6.34
N THR B 309 22.40 -23.72 5.97
CA THR B 309 21.20 -24.51 6.21
C THR B 309 21.38 -25.72 7.16
N ASP B 310 22.61 -26.09 7.54
CA ASP B 310 22.71 -27.16 8.59
C ASP B 310 23.11 -26.58 9.92
N ALA B 311 23.33 -27.46 10.88
CA ALA B 311 23.49 -27.07 12.26
C ALA B 311 24.72 -26.17 12.48
N PRO B 312 24.54 -24.99 13.06
CA PRO B 312 23.26 -24.34 13.32
C PRO B 312 22.91 -23.38 12.17
N PRO B 313 21.64 -23.38 11.70
CA PRO B 313 21.30 -22.48 10.60
C PRO B 313 21.39 -21.02 11.00
N ARG B 314 21.86 -20.17 10.10
CA ARG B 314 22.08 -18.76 10.42
C ARG B 314 21.54 -17.85 9.32
N THR B 315 20.85 -16.82 9.76
CA THR B 315 20.46 -15.66 8.95
C THR B 315 21.28 -14.47 9.44
N ILE B 316 21.91 -13.74 8.50
CA ILE B 316 22.68 -12.59 8.83
C ILE B 316 21.91 -11.33 8.45
N PHE B 317 21.95 -10.30 9.30
CA PHE B 317 21.30 -9.03 9.03
C PHE B 317 22.29 -7.88 9.26
N LEU B 318 22.18 -6.85 8.42
CA LEU B 318 23.04 -5.68 8.53
C LEU B 318 22.24 -4.41 8.27
N ASN B 319 22.33 -3.47 9.20
CA ASN B 319 21.72 -2.16 9.00
C ASN B 319 22.38 -1.20 9.99
N SER B 320 21.92 0.04 10.03
CA SER B 320 22.37 0.93 11.09
C SER B 320 21.44 0.75 12.27
N ALA B 321 21.98 0.22 13.36
CA ALA B 321 21.20 -0.15 14.52
C ALA B 321 20.94 1.06 15.41
N SER B 322 20.11 1.95 14.89
CA SER B 322 19.81 3.21 15.54
C SER B 322 18.52 3.75 14.95
N SER B 323 17.72 4.42 15.77
CA SER B 323 16.51 5.05 15.25
C SER B 323 16.78 6.44 14.64
N ASP B 324 18.01 6.97 14.76
CA ASP B 324 18.26 8.32 14.24
C ASP B 324 19.57 8.58 13.49
N SER B 325 20.43 7.57 13.36
CA SER B 325 21.69 7.73 12.65
C SER B 325 21.94 6.55 11.73
N ARG B 326 22.57 6.84 10.60
CA ARG B 326 23.07 5.81 9.68
C ARG B 326 24.48 5.32 10.02
N ARG B 327 25.10 5.88 11.06
CA ARG B 327 26.50 5.57 11.40
C ARG B 327 26.61 4.62 12.58
N GLN B 328 25.68 3.68 12.69
CA GLN B 328 25.78 2.67 13.74
C GLN B 328 25.64 1.29 13.12
N MET B 329 26.40 1.06 12.05
CA MET B 329 26.32 -0.19 11.34
C MET B 329 26.59 -1.38 12.24
N ARG B 330 25.69 -2.37 12.19
CA ARG B 330 25.76 -3.54 13.04
C ARG B 330 25.38 -4.75 12.24
N VAL B 331 26.26 -5.75 12.24
CA VAL B 331 25.97 -7.02 11.59
C VAL B 331 25.57 -8.01 12.71
N ARG B 332 24.55 -8.81 12.44
CA ARG B 332 23.94 -9.69 13.44
C ARG B 332 23.62 -11.05 12.85
N ILE B 333 23.49 -12.04 13.74
CA ILE B 333 23.12 -13.37 13.39
C ILE B 333 21.84 -13.73 14.14
N SER B 334 20.92 -14.34 13.41
CA SER B 334 19.81 -15.14 14.03
C SER B 334 19.91 -16.57 13.80
N TYR B 335 19.63 -17.34 14.86
CA TYR B 335 19.56 -18.79 14.80
C TYR B 335 18.11 -19.28 14.74
N ASP B 336 17.16 -18.36 14.76
CA ASP B 336 15.74 -18.76 14.82
C ASP B 336 15.26 -19.29 13.47
N ALA B 337 14.35 -20.25 13.51
CA ALA B 337 13.80 -20.86 12.31
C ALA B 337 13.06 -19.83 11.44
N ASP B 338 12.55 -18.78 12.09
CA ASP B 338 11.81 -17.70 11.43
C ASP B 338 12.56 -16.36 11.53
N ALA B 339 13.84 -16.41 11.89
CA ALA B 339 14.65 -15.19 12.13
C ALA B 339 13.95 -14.17 13.03
N ALA B 340 13.28 -14.64 14.09
CA ALA B 340 12.54 -13.74 14.97
C ALA B 340 13.48 -12.80 15.74
N LYS B 341 14.55 -13.37 16.28
CA LYS B 341 15.43 -12.64 17.17
C LYS B 341 16.89 -12.77 16.75
N TYR B 342 17.61 -11.66 16.88
CA TYR B 342 19.03 -11.61 16.52
C TYR B 342 19.88 -11.37 17.75
N ASP B 343 21.15 -11.75 17.65
CA ASP B 343 22.10 -11.36 18.70
C ASP B 343 22.44 -9.88 18.59
N TYR B 344 23.19 -9.39 19.57
CA TYR B 344 23.71 -8.03 19.53
C TYR B 344 24.55 -7.87 18.25
N GLY B 345 25.37 -8.86 17.97
CA GLY B 345 26.19 -8.88 16.76
C GLY B 345 27.44 -8.07 16.96
N ARG B 346 27.88 -7.36 15.94
CA ARG B 346 29.05 -6.54 16.09
C ARG B 346 28.96 -5.26 15.28
N LYS B 347 29.45 -4.19 15.91
CA LYS B 347 29.56 -2.90 15.26
C LYS B 347 30.71 -2.91 14.23
N LEU B 348 30.42 -2.47 13.01
CA LEU B 348 31.48 -2.39 11.99
C LEU B 348 32.57 -1.41 12.41
N ALA B 349 32.22 -0.43 13.24
CA ALA B 349 33.19 0.54 13.74
C ALA B 349 34.28 -0.09 14.61
N ASP B 350 34.08 -1.34 15.04
CA ASP B 350 35.16 -2.08 15.72
C ASP B 350 36.37 -2.35 14.79
N ALA B 351 36.15 -2.31 13.47
CA ALA B 351 37.21 -2.47 12.48
C ALA B 351 37.07 -1.35 11.45
N PRO B 352 37.37 -0.13 11.89
CA PRO B 352 37.11 1.02 11.05
C PRO B 352 38.13 1.19 9.91
N VAL B 353 37.67 1.85 8.86
CA VAL B 353 38.47 2.27 7.73
C VAL B 353 38.76 3.76 7.91
N SER B 354 39.99 4.15 7.58
CA SER B 354 40.38 5.55 7.60
C SER B 354 40.55 6.10 6.18
N GLY B 355 40.21 7.37 5.98
CA GLY B 355 40.46 8.05 4.69
C GLY B 355 39.39 7.90 3.61
N ALA B 356 38.27 7.29 3.98
CA ALA B 356 37.18 7.01 3.04
C ALA B 356 35.85 7.57 3.52
N GLY B 357 35.88 8.49 4.46
CA GLY B 357 34.66 9.09 4.98
C GLY B 357 34.17 8.41 6.23
N TYR B 358 33.00 8.85 6.70
CA TYR B 358 32.35 8.30 7.88
C TYR B 358 31.40 7.20 7.41
N GLU B 359 31.73 5.97 7.78
CA GLU B 359 31.01 4.80 7.30
C GLU B 359 29.59 4.68 7.91
N GLY B 360 28.66 4.34 7.04
CA GLY B 360 27.29 4.03 7.46
C GLY B 360 26.33 4.43 6.35
N GLY B 361 25.34 3.58 6.11
CA GLY B 361 24.27 3.85 5.16
C GLY B 361 23.81 2.54 4.55
N TYR B 362 23.54 2.56 3.27
CA TYR B 362 23.14 1.36 2.57
C TYR B 362 24.18 0.29 2.57
N SER B 363 23.74 -0.96 2.49
CA SER B 363 24.64 -2.08 2.55
C SER B 363 24.15 -3.25 1.75
N SER B 364 25.07 -4.17 1.45
CA SER B 364 24.72 -5.39 0.73
C SER B 364 25.70 -6.47 1.17
N MET B 365 25.20 -7.69 1.36
CA MET B 365 26.05 -8.80 1.77
C MET B 365 25.90 -10.00 0.85
N THR B 366 27.01 -10.73 0.70
CA THR B 366 27.00 -12.03 0.05
C THR B 366 27.88 -12.98 0.87
N LYS B 367 27.78 -14.26 0.59
CA LYS B 367 28.67 -15.27 1.16
C LYS B 367 29.74 -15.57 0.12
N THR B 368 30.99 -15.33 0.46
CA THR B 368 32.08 -15.61 -0.46
C THR B 368 32.36 -17.12 -0.54
N ALA B 369 33.09 -17.51 -1.57
CA ALA B 369 33.43 -18.92 -1.76
C ALA B 369 34.39 -19.44 -0.69
N ASP B 370 35.09 -18.53 0.00
CA ASP B 370 35.94 -18.90 1.14
C ASP B 370 35.25 -18.65 2.48
N TYR B 371 33.92 -18.70 2.50
CA TYR B 371 33.18 -18.78 3.78
C TYR B 371 33.38 -17.53 4.65
N LYS B 372 33.33 -16.36 4.02
CA LYS B 372 33.26 -15.12 4.67
C LYS B 372 31.97 -14.42 4.28
N ILE B 373 31.56 -13.48 5.13
CA ILE B 373 30.57 -12.51 4.77
C ILE B 373 31.33 -11.40 4.03
N GLY B 374 30.91 -11.15 2.79
CA GLY B 374 31.42 -10.04 1.99
C GLY B 374 30.35 -8.95 2.01
N ALA B 375 30.70 -7.75 2.47
CA ALA B 375 29.72 -6.68 2.61
C ALA B 375 30.21 -5.41 1.93
N LEU B 376 29.33 -4.74 1.18
CA LEU B 376 29.56 -3.37 0.74
C LEU B 376 28.78 -2.44 1.67
N VAL B 377 29.42 -1.36 2.08
CA VAL B 377 28.77 -0.39 2.98
C VAL B 377 29.08 1.04 2.50
N GLU B 378 28.04 1.87 2.44
CA GLU B 378 28.22 3.27 2.10
C GLU B 378 29.04 4.01 3.14
N SER B 379 29.71 5.07 2.68
CA SER B 379 30.49 5.95 3.53
C SER B 379 30.38 7.36 2.97
N ASP B 380 30.47 8.36 3.86
CA ASP B 380 30.13 9.73 3.53
C ASP B 380 31.21 10.63 4.10
N PHE B 381 31.92 11.33 3.24
CA PHE B 381 32.96 12.26 3.66
C PHE B 381 32.39 13.46 4.42
N PHE B 382 31.14 13.82 4.14
CA PHE B 382 30.43 14.83 4.94
C PHE B 382 31.09 16.21 4.79
N ASN B 383 31.81 16.40 3.68
CA ASN B 383 32.52 17.64 3.48
C ASN B 383 31.59 18.84 3.26
N ASP B 384 30.37 18.49 2.85
CA ASP B 384 29.35 19.54 2.51
C ASP B 384 28.15 19.24 3.45
N GLY B 385 28.42 18.64 4.61
CA GLY B 385 27.37 18.22 5.54
C GLY B 385 26.37 17.32 4.84
N THR B 386 25.09 17.61 5.04
CA THR B 386 24.01 16.85 4.40
C THR B 386 23.71 17.28 2.96
N GLY B 387 24.43 18.28 2.45
CA GLY B 387 24.24 18.77 1.10
C GLY B 387 24.75 17.83 0.00
N GLY B 388 24.42 18.18 -1.24
CA GLY B 388 24.68 17.32 -2.38
C GLY B 388 26.14 17.24 -2.79
N GLY B 389 26.98 18.09 -2.23
CA GLY B 389 28.40 18.08 -2.58
C GLY B 389 29.23 17.13 -1.71
N SER B 390 28.64 16.47 -0.71
CA SER B 390 29.40 15.54 0.12
C SER B 390 29.71 14.28 -0.66
N TYR B 391 30.99 14.00 -0.79
CA TYR B 391 31.45 12.84 -1.56
C TYR B 391 31.08 11.55 -0.84
N ARG B 392 30.57 10.60 -1.61
CA ARG B 392 30.16 9.31 -1.07
C ARG B 392 30.95 8.17 -1.72
N SER B 393 31.50 7.32 -0.86
CA SER B 393 32.30 6.16 -1.29
C SER B 393 31.62 4.90 -0.82
N ILE B 394 32.15 3.75 -1.26
CA ILE B 394 31.64 2.48 -0.80
C ILE B 394 32.79 1.60 -0.36
N ILE B 395 32.65 1.06 0.84
CA ILE B 395 33.65 0.24 1.48
C ILE B 395 33.31 -1.23 1.23
N TRP B 396 34.34 -2.05 0.95
CA TRP B 396 34.22 -3.49 0.91
C TRP B 396 34.83 -4.11 2.15
N ARG B 397 34.08 -5.02 2.75
CA ARG B 397 34.49 -5.74 3.96
C ARG B 397 34.36 -7.22 3.74
N ARG B 398 35.32 -7.96 4.29
CA ARG B 398 35.17 -9.39 4.48
C ARG B 398 35.37 -9.67 5.96
N PHE B 399 34.53 -10.53 6.53
CA PHE B 399 34.75 -11.01 7.88
C PHE B 399 34.16 -12.39 8.03
N ASN B 400 34.75 -13.19 8.89
CA ASN B 400 34.16 -14.49 9.20
C ASN B 400 33.14 -14.37 10.33
N LEU B 401 32.41 -15.46 10.55
CA LEU B 401 31.41 -15.47 11.60
C LEU B 401 32.07 -15.27 12.97
N SER B 402 33.30 -15.79 13.13
CA SER B 402 34.03 -15.60 14.39
C SER B 402 34.19 -14.13 14.74
N TRP B 403 34.50 -13.30 13.74
CA TRP B 403 34.65 -11.87 14.00
C TRP B 403 33.38 -11.31 14.62
N ILE B 404 32.21 -11.70 14.11
CA ILE B 404 30.94 -11.28 14.70
C ILE B 404 30.77 -11.83 16.11
N LEU B 405 30.95 -13.13 16.26
CA LEU B 405 30.64 -13.84 17.49
C LEU B 405 31.54 -13.45 18.66
N ASN B 406 32.77 -13.04 18.35
CA ASN B 406 33.74 -12.67 19.37
C ASN B 406 33.76 -11.15 19.62
N GLY B 407 32.75 -10.45 19.11
CA GLY B 407 32.58 -9.03 19.36
C GLY B 407 32.28 -8.78 20.83
N PRO B 408 32.67 -7.61 21.34
CA PRO B 408 32.70 -7.35 22.76
C PRO B 408 31.34 -7.41 23.43
N ASN B 409 30.25 -7.11 22.73
CA ASN B 409 28.98 -7.09 23.47
C ASN B 409 28.08 -8.18 23.03
N ASN B 410 28.66 -9.13 22.30
CA ASN B 410 27.88 -10.20 21.68
C ASN B 410 27.77 -11.41 22.58
#